data_4TXH
#
_entry.id   4TXH
#
_cell.length_a   96.070
_cell.length_b   109.030
_cell.length_c   119.040
_cell.angle_alpha   90.000
_cell.angle_beta   90.000
_cell.angle_gamma   90.000
#
_symmetry.space_group_name_H-M   'P 21 21 21'
#
loop_
_entity.id
_entity.type
_entity.pdbx_description
1 polymer 'Uridine phosphorylase'
2 non-polymer 'SULFATE ION'
3 water water
#
_entity_poly.entity_id   1
_entity_poly.type   'polypeptide(L)'
_entity_poly.pdbx_seq_one_letter_code
;MATVQPIVNSHLSELDEDVFHHFGFTTKSFDFKEKFGDVKFVCVCGSSGRIHNFAISMAKLAGLALPVENIAGSHARFVL
YKVDHILFADHGMGIPSALIMLHEVTKLLHYAGCKDVLFIRLGTSGGLGVKPGTIVLSDRCVNTKLEPYNELCILGKPVR
RQTIVDLNTVNELKKLSENLSLECSVVVGGTIAANDFYEEQGRLDGSICTFSKEEKLAFLQSAYEHGIRNMEMEGTAITS
HCYLTGHRAILVCVTAVNRLEGDQITISTDEFTLFAQRPGQLVGEYLKRNNGIIVR
;
_entity_poly.pdbx_strand_id   A,B,C,D
#
loop_
_chem_comp.id
_chem_comp.type
_chem_comp.name
_chem_comp.formula
SO4 non-polymer 'SULFATE ION' 'O4 S -2'
#
# COMPACT_ATOMS: atom_id res chain seq x y z
N VAL A 8 2.62 -31.49 31.20
CA VAL A 8 3.29 -30.75 32.26
C VAL A 8 4.81 -30.78 32.08
N ASN A 9 5.42 -29.61 32.13
CA ASN A 9 6.88 -29.49 32.14
C ASN A 9 7.46 -30.20 33.36
N SER A 10 8.06 -31.36 33.13
CA SER A 10 8.55 -32.23 34.21
C SER A 10 9.64 -31.57 35.06
N HIS A 11 10.30 -30.55 34.51
CA HIS A 11 11.39 -29.88 35.21
C HIS A 11 10.90 -29.03 36.37
N LEU A 12 9.63 -28.64 36.37
CA LEU A 12 9.09 -27.81 37.43
C LEU A 12 9.12 -28.52 38.78
N SER A 13 8.96 -29.84 38.78
CA SER A 13 8.91 -30.61 40.02
C SER A 13 10.28 -30.68 40.71
N GLU A 14 11.35 -30.38 39.96
CA GLU A 14 12.70 -30.38 40.51
C GLU A 14 12.97 -29.14 41.35
N LEU A 15 12.10 -28.14 41.22
CA LEU A 15 12.26 -26.90 41.96
C LEU A 15 11.60 -26.97 43.34
N ASP A 16 12.35 -26.59 44.36
CA ASP A 16 11.79 -26.46 45.71
C ASP A 16 10.94 -25.21 45.79
N GLU A 17 11.40 -24.16 45.11
CA GLU A 17 10.66 -22.90 45.03
C GLU A 17 10.70 -22.38 43.61
N ASP A 18 9.54 -22.02 43.08
CA ASP A 18 9.46 -21.47 41.72
C ASP A 18 9.18 -19.98 41.78
N VAL A 19 10.13 -19.21 41.25
CA VAL A 19 10.06 -17.75 41.30
C VAL A 19 9.38 -17.19 40.05
N PHE A 20 8.27 -16.50 40.23
CA PHE A 20 7.58 -15.84 39.12
C PHE A 20 8.18 -14.45 38.95
N HIS A 21 9.32 -14.38 38.27
CA HIS A 21 10.14 -13.18 38.24
C HIS A 21 9.38 -11.93 37.79
N HIS A 22 8.52 -12.06 36.80
CA HIS A 22 7.87 -10.88 36.23
C HIS A 22 6.62 -10.48 37.00
N PHE A 23 6.23 -11.28 37.98
CA PHE A 23 5.11 -10.93 38.86
C PHE A 23 5.58 -10.68 40.30
N GLY A 24 6.85 -10.94 40.57
CA GLY A 24 7.42 -10.60 41.87
C GLY A 24 6.92 -11.39 43.06
N PHE A 25 6.55 -12.65 42.85
CA PHE A 25 6.28 -13.56 43.96
C PHE A 25 6.73 -14.97 43.60
N THR A 26 6.66 -15.88 44.56
CA THR A 26 7.07 -17.27 44.33
C THR A 26 5.98 -18.23 44.79
N THR A 27 6.21 -19.52 44.60
CA THR A 27 5.26 -20.54 45.04
C THR A 27 5.19 -20.60 46.57
N LYS A 28 6.17 -19.99 47.24
CA LYS A 28 6.17 -19.91 48.69
C LYS A 28 5.48 -18.67 49.23
N SER A 29 5.01 -17.78 48.35
CA SER A 29 4.40 -16.52 48.76
C SER A 29 2.99 -16.72 49.32
N PHE A 30 2.25 -17.64 48.72
CA PHE A 30 0.93 -18.02 49.19
C PHE A 30 0.70 -19.50 48.92
N ASP A 31 -0.45 -19.99 49.33
CA ASP A 31 -0.86 -21.33 48.94
C ASP A 31 -1.68 -21.23 47.67
N PHE A 32 -1.08 -21.64 46.56
CA PHE A 32 -1.66 -21.40 45.24
C PHE A 32 -3.02 -22.06 45.06
N LYS A 33 -3.18 -23.29 45.57
CA LYS A 33 -4.44 -24.00 45.43
C LYS A 33 -5.56 -23.26 46.16
N GLU A 34 -5.27 -22.80 47.37
CA GLU A 34 -6.24 -22.05 48.15
C GLU A 34 -6.54 -20.68 47.53
N LYS A 35 -5.50 -20.00 47.08
CA LYS A 35 -5.67 -18.64 46.56
C LYS A 35 -6.23 -18.59 45.14
N PHE A 36 -5.77 -19.48 44.26
CA PHE A 36 -6.11 -19.37 42.84
C PHE A 36 -6.96 -20.53 42.31
N GLY A 37 -7.27 -21.51 43.15
CA GLY A 37 -7.91 -22.74 42.71
C GLY A 37 -9.23 -22.62 41.98
N ASP A 38 -9.96 -21.55 42.27
CA ASP A 38 -11.31 -21.36 41.71
C ASP A 38 -11.31 -20.52 40.41
N VAL A 39 -10.13 -20.18 39.92
CA VAL A 39 -10.01 -19.38 38.70
C VAL A 39 -10.43 -20.15 37.46
N LYS A 40 -11.31 -19.57 36.65
CA LYS A 40 -11.75 -20.19 35.41
C LYS A 40 -11.60 -19.24 34.21
N PHE A 41 -11.23 -17.99 34.50
CA PHE A 41 -11.06 -16.97 33.46
C PHE A 41 -9.83 -16.14 33.72
N VAL A 42 -9.08 -15.83 32.66
CA VAL A 42 -7.99 -14.87 32.79
C VAL A 42 -8.18 -13.78 31.73
N CYS A 43 -8.44 -12.56 32.20
CA CYS A 43 -8.61 -11.42 31.31
C CYS A 43 -7.31 -10.63 31.20
N VAL A 44 -6.89 -10.36 29.97
CA VAL A 44 -5.61 -9.69 29.78
C VAL A 44 -5.71 -8.59 28.74
N CYS A 45 -4.81 -7.61 28.85
CA CYS A 45 -4.60 -6.61 27.80
C CYS A 45 -3.25 -5.94 27.99
N GLY A 46 -2.88 -5.05 27.06
CA GLY A 46 -1.56 -4.46 27.07
C GLY A 46 -1.29 -3.41 28.14
N SER A 47 -2.35 -2.95 28.81
CA SER A 47 -2.28 -1.83 29.73
C SER A 47 -2.61 -2.22 31.17
N SER A 48 -1.68 -1.96 32.09
CA SER A 48 -1.92 -2.26 33.50
C SER A 48 -3.07 -1.40 34.02
N GLY A 49 -3.12 -0.15 33.57
CA GLY A 49 -4.16 0.77 33.98
C GLY A 49 -5.56 0.34 33.53
N ARG A 50 -5.70 -0.10 32.29
CA ARG A 50 -7.00 -0.52 31.75
CA ARG A 50 -7.00 -0.49 31.78
C ARG A 50 -7.49 -1.79 32.42
N ILE A 51 -6.60 -2.76 32.61
CA ILE A 51 -7.03 -4.03 33.17
C ILE A 51 -7.35 -3.87 34.66
N HIS A 52 -6.67 -2.94 35.32
CA HIS A 52 -7.00 -2.59 36.71
C HIS A 52 -8.42 -2.02 36.79
N ASN A 53 -8.73 -1.07 35.90
CA ASN A 53 -10.05 -0.46 35.86
C ASN A 53 -11.13 -1.45 35.52
N PHE A 54 -10.82 -2.40 34.63
CA PHE A 54 -11.77 -3.46 34.30
C PHE A 54 -12.02 -4.36 35.50
N ALA A 55 -10.96 -4.67 36.26
CA ALA A 55 -11.09 -5.48 37.47
C ALA A 55 -12.03 -4.81 38.48
N ILE A 56 -11.87 -3.51 38.64
CA ILE A 56 -12.71 -2.75 39.56
C ILE A 56 -14.15 -2.79 39.10
N SER A 57 -14.36 -2.66 37.79
CA SER A 57 -15.71 -2.69 37.25
C SER A 57 -16.36 -4.05 37.48
N MET A 58 -15.58 -5.13 37.36
CA MET A 58 -16.12 -6.46 37.61
C MET A 58 -16.39 -6.67 39.10
N ALA A 59 -15.54 -6.10 39.95
CA ALA A 59 -15.76 -6.18 41.40
C ALA A 59 -17.07 -5.48 41.79
N LYS A 60 -17.35 -4.35 41.16
CA LYS A 60 -18.61 -3.65 41.41
C LYS A 60 -19.81 -4.44 40.87
N LEU A 61 -19.65 -5.04 39.70
CA LEU A 61 -20.68 -5.92 39.14
C LEU A 61 -20.99 -7.07 40.09
N ALA A 62 -19.96 -7.60 40.74
CA ALA A 62 -20.11 -8.71 41.66
C ALA A 62 -20.60 -8.24 43.03
N GLY A 63 -20.87 -6.93 43.13
CA GLY A 63 -21.40 -6.36 44.36
C GLY A 63 -20.42 -6.43 45.51
N LEU A 64 -19.13 -6.40 45.19
CA LEU A 64 -18.11 -6.50 46.23
C LEU A 64 -17.80 -5.12 46.80
N ALA A 65 -17.36 -5.12 48.05
CA ALA A 65 -16.94 -3.90 48.74
C ALA A 65 -15.62 -4.19 49.42
N LEU A 66 -14.64 -4.54 48.61
CA LEU A 66 -13.29 -4.81 49.11
C LEU A 66 -12.27 -4.31 48.11
N PRO A 67 -11.15 -3.78 48.62
CA PRO A 67 -10.10 -3.26 47.75
C PRO A 67 -9.64 -4.27 46.71
N VAL A 68 -9.55 -3.85 45.47
CA VAL A 68 -9.01 -4.73 44.43
C VAL A 68 -7.50 -4.54 44.47
N GLU A 69 -6.84 -5.46 45.17
CA GLU A 69 -5.42 -5.32 45.48
C GLU A 69 -4.55 -6.00 44.43
N ASN A 70 -3.45 -5.34 44.09
CA ASN A 70 -2.43 -5.93 43.23
C ASN A 70 -1.75 -7.07 43.97
N ILE A 71 -1.83 -8.27 43.41
CA ILE A 71 -1.22 -9.46 44.01
C ILE A 71 0.27 -9.52 43.69
N ALA A 72 0.65 -8.90 42.58
CA ALA A 72 2.04 -8.85 42.15
C ALA A 72 2.87 -7.94 43.04
N GLY A 73 4.18 -8.14 43.03
CA GLY A 73 5.10 -7.32 43.80
C GLY A 73 5.14 -5.90 43.27
N SER A 74 5.54 -4.96 44.12
CA SER A 74 5.53 -3.55 43.75
C SER A 74 6.52 -3.21 42.62
N HIS A 75 7.64 -3.92 42.54
CA HIS A 75 8.61 -3.67 41.48
C HIS A 75 8.48 -4.65 40.31
N ALA A 76 7.37 -5.38 40.27
CA ALA A 76 7.16 -6.38 39.23
C ALA A 76 6.84 -5.72 37.88
N ARG A 77 7.15 -6.42 36.80
CA ARG A 77 6.88 -5.92 35.45
C ARG A 77 5.39 -5.86 35.17
N PHE A 78 4.65 -6.82 35.72
CA PHE A 78 3.23 -6.99 35.45
C PHE A 78 2.39 -6.82 36.71
N VAL A 79 1.11 -6.51 36.54
CA VAL A 79 0.18 -6.51 37.68
C VAL A 79 -0.70 -7.76 37.63
N LEU A 80 -1.33 -8.07 38.76
CA LEU A 80 -2.23 -9.22 38.83
C LEU A 80 -3.34 -8.94 39.84
N TYR A 81 -4.59 -9.08 39.41
CA TYR A 81 -5.74 -8.90 40.30
C TYR A 81 -6.62 -10.13 40.26
N LYS A 82 -7.41 -10.35 41.30
CA LYS A 82 -8.39 -11.43 41.28
C LYS A 82 -9.74 -10.90 41.76
N VAL A 83 -10.77 -11.20 40.98
CA VAL A 83 -12.15 -10.93 41.41
C VAL A 83 -12.97 -12.19 41.21
N ASP A 84 -13.40 -12.78 42.32
CA ASP A 84 -14.07 -14.08 42.32
C ASP A 84 -13.31 -15.08 41.42
N HIS A 85 -13.92 -15.55 40.34
CA HIS A 85 -13.31 -16.62 39.55
C HIS A 85 -12.47 -16.12 38.37
N ILE A 86 -12.06 -14.86 38.42
CA ILE A 86 -11.35 -14.24 37.30
C ILE A 86 -9.99 -13.69 37.73
N LEU A 87 -8.95 -14.00 36.97
CA LEU A 87 -7.65 -13.32 37.10
C LEU A 87 -7.51 -12.23 36.06
N PHE A 88 -6.85 -11.13 36.44
CA PHE A 88 -6.62 -10.00 35.55
C PHE A 88 -5.12 -9.71 35.51
N ALA A 89 -4.54 -9.63 34.32
CA ALA A 89 -3.13 -9.32 34.21
C ALA A 89 -2.86 -8.51 32.95
N ASP A 90 -1.80 -7.72 32.94
CA ASP A 90 -1.41 -7.06 31.70
C ASP A 90 -0.31 -7.87 31.02
N HIS A 91 -0.01 -7.53 29.77
CA HIS A 91 0.97 -8.31 29.01
C HIS A 91 1.88 -7.46 28.14
N GLY A 92 1.80 -6.14 28.29
CA GLY A 92 2.63 -5.25 27.49
C GLY A 92 2.28 -5.30 26.01
N MET A 93 3.22 -4.88 25.16
CA MET A 93 2.98 -4.86 23.72
C MET A 93 3.91 -5.81 22.99
N GLY A 94 3.34 -6.72 22.21
CA GLY A 94 4.14 -7.62 21.39
C GLY A 94 4.15 -9.04 21.90
N ILE A 95 4.34 -9.97 20.96
CA ILE A 95 4.37 -11.40 21.27
C ILE A 95 5.37 -11.79 22.38
N PRO A 96 6.62 -11.28 22.34
CA PRO A 96 7.57 -11.69 23.38
C PRO A 96 7.13 -11.28 24.79
N SER A 97 6.58 -10.08 24.92
CA SER A 97 6.08 -9.63 26.22
C SER A 97 4.90 -10.51 26.63
N ALA A 98 4.00 -10.79 25.68
CA ALA A 98 2.83 -11.60 25.96
C ALA A 98 3.23 -13.01 26.39
N LEU A 99 4.28 -13.54 25.76
CA LEU A 99 4.75 -14.89 26.09
C LEU A 99 5.26 -14.97 27.53
N ILE A 100 5.86 -13.90 28.02
CA ILE A 100 6.33 -13.90 29.40
C ILE A 100 5.15 -14.03 30.37
N MET A 101 4.10 -13.24 30.11
CA MET A 101 2.87 -13.34 30.89
C MET A 101 2.28 -14.75 30.79
N LEU A 102 2.20 -15.28 29.57
CA LEU A 102 1.57 -16.58 29.34
C LEU A 102 2.30 -17.70 30.09
N HIS A 103 3.64 -17.72 30.00
CA HIS A 103 4.40 -18.73 30.72
C HIS A 103 4.16 -18.67 32.22
N GLU A 104 4.25 -17.47 32.80
CA GLU A 104 4.18 -17.37 34.25
C GLU A 104 2.74 -17.58 34.73
N VAL A 105 1.75 -17.06 34.00
CA VAL A 105 0.36 -17.27 34.41
C VAL A 105 -0.07 -18.73 34.22
N THR A 106 0.29 -19.37 33.11
CA THR A 106 -0.11 -20.78 32.94
C THR A 106 0.59 -21.68 33.98
N LYS A 107 1.80 -21.32 34.43
CA LYS A 107 2.43 -22.05 35.52
C LYS A 107 1.64 -21.87 36.81
N LEU A 108 1.22 -20.62 37.07
CA LEU A 108 0.41 -20.32 38.25
C LEU A 108 -0.85 -21.18 38.28
N LEU A 109 -1.53 -21.27 37.14
CA LEU A 109 -2.74 -22.09 37.04
C LEU A 109 -2.46 -23.55 37.30
N HIS A 110 -1.29 -24.02 36.87
CA HIS A 110 -0.88 -25.41 37.09
C HIS A 110 -0.68 -25.73 38.57
N TYR A 111 0.03 -24.86 39.28
CA TYR A 111 0.27 -25.07 40.71
C TYR A 111 -1.02 -25.02 41.50
N ALA A 112 -1.99 -24.25 41.01
CA ALA A 112 -3.27 -24.07 41.70
C ALA A 112 -4.29 -25.14 41.34
N GLY A 113 -3.98 -25.98 40.36
CA GLY A 113 -4.85 -27.06 39.95
C GLY A 113 -5.99 -26.67 39.02
N CYS A 114 -5.92 -25.45 38.48
CA CYS A 114 -6.92 -24.98 37.52
C CYS A 114 -6.82 -25.68 36.18
N LYS A 115 -7.94 -26.22 35.72
CA LYS A 115 -7.98 -26.89 34.42
C LYS A 115 -8.92 -26.17 33.47
N ASP A 116 -8.57 -26.20 32.18
CA ASP A 116 -9.41 -25.70 31.10
C ASP A 116 -9.91 -24.27 31.35
N VAL A 117 -8.96 -23.37 31.58
CA VAL A 117 -9.27 -21.97 31.84
C VAL A 117 -9.44 -21.23 30.51
N LEU A 118 -10.31 -20.22 30.50
CA LEU A 118 -10.48 -19.37 29.33
C LEU A 118 -9.71 -18.05 29.48
N PHE A 119 -8.71 -17.88 28.62
CA PHE A 119 -8.00 -16.62 28.48
C PHE A 119 -8.77 -15.71 27.54
N ILE A 120 -9.00 -14.47 27.96
CA ILE A 120 -9.68 -13.48 27.15
C ILE A 120 -8.78 -12.26 26.99
N ARG A 121 -8.31 -12.02 25.76
CA ARG A 121 -7.55 -10.81 25.49
C ARG A 121 -8.49 -9.69 25.07
N LEU A 122 -8.54 -8.63 25.89
CA LEU A 122 -9.35 -7.45 25.63
C LEU A 122 -8.48 -6.34 25.04
N GLY A 123 -8.24 -6.38 23.73
CA GLY A 123 -7.23 -5.49 23.16
C GLY A 123 -7.72 -4.32 22.35
N THR A 124 -6.76 -3.59 21.78
CA THR A 124 -7.05 -2.58 20.77
C THR A 124 -6.33 -3.02 19.50
N SER A 125 -6.73 -2.48 18.36
CA SER A 125 -6.30 -3.02 17.07
C SER A 125 -6.57 -2.03 15.94
N GLY A 126 -5.97 -2.30 14.79
CA GLY A 126 -6.28 -1.54 13.59
C GLY A 126 -7.34 -2.30 12.80
N GLY A 127 -8.38 -1.61 12.36
CA GLY A 127 -9.46 -2.26 11.65
C GLY A 127 -9.21 -2.35 10.15
N LEU A 128 -9.79 -3.35 9.51
CA LEU A 128 -9.77 -3.43 8.05
C LEU A 128 -11.20 -3.46 7.51
N GLY A 129 -11.65 -2.33 6.96
CA GLY A 129 -12.97 -2.27 6.34
C GLY A 129 -14.12 -2.24 7.34
N VAL A 130 -13.81 -1.85 8.57
CA VAL A 130 -14.83 -1.61 9.59
C VAL A 130 -14.62 -0.24 10.21
N LYS A 131 -15.68 0.35 10.75
CA LYS A 131 -15.60 1.68 11.35
C LYS A 131 -14.83 1.65 12.66
N PRO A 132 -14.07 2.71 12.95
CA PRO A 132 -13.37 2.78 14.25
C PRO A 132 -14.35 2.65 15.40
N GLY A 133 -13.96 1.93 16.45
CA GLY A 133 -14.81 1.68 17.58
C GLY A 133 -15.56 0.36 17.47
N THR A 134 -15.31 -0.37 16.40
CA THR A 134 -15.93 -1.69 16.19
C THR A 134 -15.24 -2.76 17.05
N ILE A 135 -16.03 -3.61 17.69
CA ILE A 135 -15.48 -4.78 18.36
C ILE A 135 -15.34 -5.93 17.36
N VAL A 136 -14.13 -6.44 17.22
CA VAL A 136 -13.90 -7.62 16.39
C VAL A 136 -13.69 -8.84 17.28
N LEU A 137 -14.51 -9.86 17.07
CA LEU A 137 -14.29 -11.14 17.72
C LEU A 137 -13.47 -12.01 16.76
N SER A 138 -12.22 -12.30 17.11
CA SER A 138 -11.35 -13.08 16.23
C SER A 138 -11.87 -14.51 16.05
N ASP A 139 -11.98 -14.96 14.80
CA ASP A 139 -12.32 -16.38 14.58
C ASP A 139 -11.10 -17.14 14.05
N ARG A 140 -10.01 -16.42 13.84
CA ARG A 140 -8.70 -17.02 13.61
C ARG A 140 -7.62 -15.96 13.88
N CYS A 141 -6.46 -16.42 14.35
CA CYS A 141 -5.34 -15.52 14.57
C CYS A 141 -4.17 -15.98 13.72
N VAL A 142 -3.70 -15.10 12.84
CA VAL A 142 -2.68 -15.48 11.87
C VAL A 142 -1.53 -14.48 11.87
N ASN A 143 -0.39 -14.90 11.32
CA ASN A 143 0.75 -13.99 11.22
C ASN A 143 0.60 -13.09 9.99
N THR A 144 1.65 -12.35 9.65
CA THR A 144 1.59 -11.41 8.54
C THR A 144 1.60 -12.11 7.18
N LYS A 145 1.89 -13.40 7.17
CA LYS A 145 1.77 -14.20 5.96
C LYS A 145 0.42 -14.91 5.91
N LEU A 146 -0.46 -14.59 6.87
CA LEU A 146 -1.82 -15.12 6.94
C LEU A 146 -1.85 -16.61 7.31
N GLU A 147 -0.78 -17.08 7.94
CA GLU A 147 -0.67 -18.46 8.41
C GLU A 147 -1.11 -18.55 9.87
N PRO A 148 -1.94 -19.55 10.20
CA PRO A 148 -2.44 -19.71 11.58
C PRO A 148 -1.41 -20.36 12.49
N TYR A 149 -0.27 -19.70 12.67
CA TYR A 149 0.83 -20.27 13.44
C TYR A 149 1.58 -19.17 14.18
N ASN A 150 2.13 -19.52 15.34
CA ASN A 150 3.10 -18.69 16.00
C ASN A 150 4.48 -19.29 15.74
N GLU A 151 5.43 -18.45 15.35
CA GLU A 151 6.77 -18.91 15.04
C GLU A 151 7.70 -18.65 16.22
N LEU A 152 8.52 -19.65 16.56
CA LEU A 152 9.51 -19.51 17.61
C LEU A 152 10.85 -20.06 17.13
N CYS A 153 11.92 -19.59 17.75
CA CYS A 153 13.24 -20.11 17.48
C CYS A 153 13.82 -20.63 18.79
N ILE A 154 13.78 -21.95 18.96
CA ILE A 154 14.12 -22.57 20.24
C ILE A 154 15.41 -23.36 20.14
N LEU A 155 16.39 -22.98 20.97
CA LEU A 155 17.75 -23.48 20.86
C LEU A 155 18.26 -23.29 19.44
N GLY A 156 17.96 -22.14 18.85
CA GLY A 156 18.40 -21.83 17.50
C GLY A 156 17.68 -22.57 16.38
N LYS A 157 16.61 -23.29 16.71
CA LYS A 157 15.89 -24.07 15.70
C LYS A 157 14.46 -23.57 15.51
N PRO A 158 13.98 -23.56 14.26
CA PRO A 158 12.64 -23.08 13.93
C PRO A 158 11.54 -23.99 14.46
N VAL A 159 10.54 -23.41 15.11
CA VAL A 159 9.43 -24.16 15.65
C VAL A 159 8.13 -23.40 15.37
N ARG A 160 7.07 -24.09 14.97
N ARG A 160 7.09 -24.12 14.96
CA ARG A 160 5.80 -23.39 14.80
CA ARG A 160 5.78 -23.52 14.73
C ARG A 160 4.67 -24.08 15.53
C ARG A 160 4.73 -24.09 15.67
N ARG A 161 3.80 -23.25 16.11
CA ARG A 161 2.72 -23.71 16.96
C ARG A 161 1.39 -23.17 16.43
N GLN A 162 0.47 -24.09 16.12
CA GLN A 162 -0.79 -23.72 15.51
C GLN A 162 -1.65 -22.87 16.42
N THR A 163 -2.38 -21.92 15.85
CA THR A 163 -3.27 -21.08 16.64
C THR A 163 -4.69 -21.66 16.65
N ILE A 164 -5.28 -21.72 17.85
CA ILE A 164 -6.62 -22.25 18.03
C ILE A 164 -7.49 -21.30 18.85
N VAL A 165 -8.53 -20.75 18.22
CA VAL A 165 -9.49 -19.87 18.91
C VAL A 165 -10.70 -20.68 19.40
N ASP A 166 -11.17 -20.40 20.61
CA ASP A 166 -12.37 -21.03 21.17
C ASP A 166 -13.61 -20.52 20.44
N LEU A 167 -13.97 -21.16 19.34
CA LEU A 167 -15.05 -20.67 18.48
C LEU A 167 -16.42 -20.74 19.14
N ASN A 168 -16.63 -21.70 20.04
CA ASN A 168 -17.90 -21.80 20.75
C ASN A 168 -18.17 -20.55 21.61
N THR A 169 -17.16 -20.10 22.34
CA THR A 169 -17.29 -18.88 23.13
C THR A 169 -17.46 -17.65 22.23
N VAL A 170 -16.75 -17.62 21.12
CA VAL A 170 -16.89 -16.53 20.15
C VAL A 170 -18.35 -16.43 19.69
N ASN A 171 -18.97 -17.55 19.35
CA ASN A 171 -20.36 -17.53 18.92
C ASN A 171 -21.32 -17.12 20.04
N GLU A 172 -21.01 -17.54 21.27
CA GLU A 172 -21.77 -17.09 22.44
C GLU A 172 -21.70 -15.58 22.62
N LEU A 173 -20.53 -15.01 22.38
CA LEU A 173 -20.32 -13.57 22.54
C LEU A 173 -21.07 -12.78 21.46
N LYS A 174 -21.05 -13.29 20.23
CA LYS A 174 -21.76 -12.67 19.13
C LYS A 174 -23.27 -12.63 19.43
N LYS A 175 -23.79 -13.77 19.88
CA LYS A 175 -25.20 -13.88 20.23
C LYS A 175 -25.56 -12.91 21.35
N LEU A 176 -24.71 -12.84 22.36
CA LEU A 176 -24.94 -11.93 23.48
C LEU A 176 -25.01 -10.49 23.00
N SER A 177 -24.11 -10.12 22.09
CA SER A 177 -24.07 -8.77 21.54
C SER A 177 -25.36 -8.40 20.82
N GLU A 178 -26.04 -9.40 20.27
CA GLU A 178 -27.31 -9.19 19.57
C GLU A 178 -28.45 -8.90 20.55
N ASN A 179 -28.24 -9.22 21.81
CA ASN A 179 -29.25 -9.01 22.84
C ASN A 179 -28.91 -7.84 23.76
N LEU A 180 -27.79 -7.18 23.49
CA LEU A 180 -27.37 -6.02 24.27
C LEU A 180 -27.61 -4.74 23.48
N SER A 181 -27.39 -3.59 24.13
CA SER A 181 -27.55 -2.29 23.50
C SER A 181 -26.22 -1.56 23.39
N LEU A 182 -25.25 -2.17 22.72
CA LEU A 182 -23.96 -1.55 22.51
C LEU A 182 -24.09 -0.45 21.47
N GLU A 183 -23.31 0.62 21.63
CA GLU A 183 -23.33 1.69 20.63
C GLU A 183 -22.28 1.44 19.56
N CYS A 184 -21.88 0.18 19.42
CA CYS A 184 -20.91 -0.22 18.41
C CYS A 184 -21.34 -1.50 17.72
N SER A 185 -20.78 -1.76 16.54
CA SER A 185 -21.00 -3.02 15.86
C SER A 185 -20.05 -4.07 16.44
N VAL A 186 -20.48 -5.33 16.38
CA VAL A 186 -19.64 -6.44 16.78
C VAL A 186 -19.47 -7.37 15.57
N VAL A 187 -18.22 -7.55 15.13
CA VAL A 187 -17.94 -8.32 13.92
C VAL A 187 -17.08 -9.54 14.22
N VAL A 188 -17.42 -10.67 13.61
CA VAL A 188 -16.57 -11.86 13.69
C VAL A 188 -15.69 -11.93 12.44
N GLY A 189 -14.38 -12.05 12.64
CA GLY A 189 -13.45 -12.11 11.52
C GLY A 189 -12.03 -12.46 11.93
N GLY A 190 -11.15 -12.57 10.94
CA GLY A 190 -9.76 -12.95 11.21
C GLY A 190 -8.92 -11.80 11.73
N THR A 191 -7.82 -12.14 12.40
CA THR A 191 -6.96 -11.14 13.03
C THR A 191 -5.49 -11.42 12.79
N ILE A 192 -4.80 -10.46 12.17
CA ILE A 192 -3.34 -10.54 11.98
C ILE A 192 -2.60 -10.06 13.24
N ALA A 193 -1.59 -10.84 13.65
CA ALA A 193 -0.65 -10.40 14.69
C ALA A 193 0.68 -10.06 14.06
N ALA A 194 1.20 -8.86 14.33
CA ALA A 194 2.47 -8.40 13.76
C ALA A 194 3.51 -8.10 14.85
N ASN A 195 4.79 -8.13 14.47
CA ASN A 195 5.89 -7.89 15.40
C ASN A 195 6.38 -6.43 15.40
N ASP A 196 5.47 -5.53 15.07
CA ASP A 196 5.81 -4.14 14.82
C ASP A 196 4.50 -3.39 14.66
N PHE A 197 4.49 -2.12 15.04
CA PHE A 197 3.28 -1.31 14.89
C PHE A 197 3.27 -0.67 13.50
N TYR A 198 4.46 -0.43 12.96
CA TYR A 198 4.58 0.34 11.72
C TYR A 198 4.80 -0.51 10.47
N GLU A 199 6.04 -0.88 10.18
CA GLU A 199 6.33 -1.47 8.86
C GLU A 199 5.65 -2.82 8.64
N GLU A 200 5.62 -3.67 9.66
CA GLU A 200 4.99 -4.98 9.51
C GLU A 200 3.48 -4.87 9.34
N GLN A 201 2.91 -3.75 9.76
CA GLN A 201 1.48 -3.54 9.61
C GLN A 201 1.17 -2.69 8.39
N GLY A 202 2.18 -2.49 7.55
CA GLY A 202 2.00 -1.76 6.30
C GLY A 202 1.78 -0.28 6.47
N ARG A 203 2.21 0.28 7.61
CA ARG A 203 2.09 1.72 7.82
C ARG A 203 3.13 2.48 7.03
N LEU A 204 2.72 3.63 6.49
CA LEU A 204 3.60 4.49 5.70
C LEU A 204 4.27 5.57 6.56
N ASP A 205 3.86 5.67 7.82
CA ASP A 205 4.25 6.81 8.64
C ASP A 205 5.22 6.47 9.78
N GLY A 206 6.00 5.41 9.62
CA GLY A 206 7.06 5.11 10.56
C GLY A 206 8.30 5.93 10.26
N SER A 207 9.38 5.66 10.99
CA SER A 207 10.66 6.34 10.74
C SER A 207 11.36 5.74 9.55
N ILE A 208 10.93 4.54 9.18
CA ILE A 208 11.46 3.85 8.01
C ILE A 208 10.29 3.31 7.19
N CYS A 209 10.36 3.45 5.87
CA CYS A 209 9.35 2.84 5.01
C CYS A 209 9.92 2.54 3.63
N THR A 210 9.90 1.26 3.27
CA THR A 210 10.54 0.80 2.05
C THR A 210 9.52 0.42 0.98
N PHE A 211 8.26 0.75 1.20
CA PHE A 211 7.22 0.43 0.23
C PHE A 211 6.31 1.61 -0.10
N SER A 212 5.55 1.46 -1.18
CA SER A 212 4.63 2.47 -1.67
C SER A 212 3.22 2.22 -1.15
N LYS A 213 2.34 3.21 -1.30
CA LYS A 213 0.96 3.03 -0.87
C LYS A 213 0.26 1.97 -1.73
N GLU A 214 0.71 1.81 -2.97
CA GLU A 214 0.18 0.77 -3.85
C GLU A 214 0.48 -0.62 -3.29
N GLU A 215 1.71 -0.81 -2.81
CA GLU A 215 2.12 -2.08 -2.23
C GLU A 215 1.45 -2.30 -0.86
N LYS A 216 1.32 -1.24 -0.08
CA LYS A 216 0.56 -1.31 1.16
C LYS A 216 -0.88 -1.75 0.90
N LEU A 217 -1.51 -1.14 -0.11
CA LEU A 217 -2.90 -1.43 -0.44
C LEU A 217 -3.09 -2.88 -0.90
N ALA A 218 -2.16 -3.38 -1.71
CA ALA A 218 -2.23 -4.77 -2.18
C ALA A 218 -2.15 -5.73 -1.00
N PHE A 219 -1.28 -5.42 -0.04
CA PHE A 219 -1.09 -6.24 1.16
C PHE A 219 -2.35 -6.24 2.02
N LEU A 220 -2.89 -5.06 2.30
CA LEU A 220 -4.07 -4.95 3.17
C LEU A 220 -5.36 -5.46 2.50
N GLN A 221 -5.52 -5.21 1.20
CA GLN A 221 -6.72 -5.64 0.51
C GLN A 221 -6.75 -7.16 0.41
N SER A 222 -5.59 -7.76 0.16
CA SER A 222 -5.46 -9.21 0.16
C SER A 222 -5.88 -9.80 1.51
N ALA A 223 -5.41 -9.17 2.59
CA ALA A 223 -5.79 -9.61 3.94
C ALA A 223 -7.30 -9.56 4.13
N TYR A 224 -7.90 -8.44 3.75
CA TYR A 224 -9.35 -8.29 3.84
C TYR A 224 -10.07 -9.37 3.03
N GLU A 225 -9.60 -9.61 1.81
CA GLU A 225 -10.22 -10.61 0.94
C GLU A 225 -10.10 -12.01 1.53
N HIS A 226 -9.11 -12.23 2.38
CA HIS A 226 -8.98 -13.48 3.13
C HIS A 226 -9.68 -13.42 4.48
N GLY A 227 -10.61 -12.48 4.63
CA GLY A 227 -11.42 -12.41 5.83
C GLY A 227 -10.85 -11.69 7.05
N ILE A 228 -9.64 -11.13 6.92
CA ILE A 228 -9.06 -10.37 8.03
C ILE A 228 -9.84 -9.08 8.26
N ARG A 229 -10.19 -8.80 9.52
CA ARG A 229 -10.96 -7.59 9.83
C ARG A 229 -10.25 -6.69 10.85
N ASN A 230 -9.20 -7.21 11.49
CA ASN A 230 -8.35 -6.32 12.30
C ASN A 230 -6.92 -6.83 12.47
N MET A 231 -6.10 -6.00 13.09
CA MET A 231 -4.66 -6.22 13.14
C MET A 231 -4.10 -5.73 14.47
N GLU A 232 -3.35 -6.60 15.15
CA GLU A 232 -2.79 -6.25 16.45
C GLU A 232 -1.45 -6.97 16.63
N MET A 233 -1.02 -7.20 17.88
CA MET A 233 0.36 -7.62 18.08
C MET A 233 0.61 -8.81 19.02
N GLU A 234 -0.44 -9.50 19.46
CA GLU A 234 -0.27 -10.58 20.45
C GLU A 234 -1.03 -11.86 20.13
N GLY A 235 -1.99 -11.81 19.21
CA GLY A 235 -2.97 -12.87 19.06
C GLY A 235 -2.45 -14.28 18.81
N THR A 236 -1.40 -14.40 18.01
CA THR A 236 -0.88 -15.72 17.68
C THR A 236 -0.17 -16.36 18.87
N ALA A 237 0.34 -15.54 19.78
CA ALA A 237 1.00 -16.06 20.97
C ALA A 237 -0.03 -16.60 21.96
N ILE A 238 -1.07 -15.80 22.18
CA ILE A 238 -2.11 -16.19 23.13
C ILE A 238 -2.87 -17.42 22.66
N THR A 239 -3.26 -17.47 21.39
CA THR A 239 -4.09 -18.58 20.91
C THR A 239 -3.29 -19.83 20.53
N SER A 240 -1.96 -19.76 20.54
CA SER A 240 -1.16 -20.97 20.36
C SER A 240 -0.72 -21.57 21.69
N HIS A 241 -0.32 -20.69 22.61
CA HIS A 241 0.22 -21.11 23.91
C HIS A 241 -0.85 -21.74 24.79
N CYS A 242 -2.03 -21.14 24.83
CA CYS A 242 -3.09 -21.63 25.71
C CYS A 242 -3.51 -23.06 25.36
N TYR A 243 -3.78 -23.30 24.08
CA TYR A 243 -4.13 -24.64 23.62
C TYR A 243 -3.09 -25.67 24.05
N LEU A 244 -1.82 -25.29 23.93
CA LEU A 244 -0.72 -26.21 24.20
C LEU A 244 -0.55 -26.49 25.69
N THR A 245 -1.05 -25.59 26.54
CA THR A 245 -1.00 -25.80 27.98
C THR A 245 -2.35 -26.26 28.53
N GLY A 246 -3.25 -26.64 27.63
CA GLY A 246 -4.52 -27.23 28.03
C GLY A 246 -5.62 -26.24 28.37
N HIS A 247 -5.52 -25.02 27.84
CA HIS A 247 -6.51 -23.99 28.12
C HIS A 247 -7.12 -23.46 26.81
N ARG A 248 -8.10 -22.58 26.94
CA ARG A 248 -8.77 -21.99 25.79
C ARG A 248 -8.45 -20.50 25.69
N ALA A 249 -8.61 -19.92 24.51
CA ALA A 249 -8.36 -18.48 24.38
C ALA A 249 -9.22 -17.83 23.30
N ILE A 250 -9.58 -16.57 23.55
CA ILE A 250 -10.26 -15.73 22.57
C ILE A 250 -9.67 -14.34 22.56
N LEU A 251 -9.83 -13.66 21.44
CA LEU A 251 -9.48 -12.24 21.34
C LEU A 251 -10.74 -11.42 21.10
N VAL A 252 -10.92 -10.41 21.95
CA VAL A 252 -12.01 -9.44 21.82
C VAL A 252 -11.37 -8.06 21.75
N CYS A 253 -11.18 -7.53 20.53
CA CYS A 253 -10.43 -6.28 20.38
C CYS A 253 -11.24 -5.21 19.68
N VAL A 254 -11.15 -3.98 20.18
CA VAL A 254 -11.80 -2.85 19.52
C VAL A 254 -10.86 -2.28 18.45
N THR A 255 -11.41 -1.63 17.42
CA THR A 255 -10.59 -0.99 16.40
C THR A 255 -10.48 0.51 16.68
N ALA A 256 -9.31 1.08 16.39
CA ALA A 256 -9.05 2.49 16.69
C ALA A 256 -8.86 3.33 15.43
N VAL A 257 -8.87 2.67 14.29
CA VAL A 257 -8.66 3.31 13.00
C VAL A 257 -9.05 2.32 11.92
N ASN A 258 -9.52 2.80 10.77
CA ASN A 258 -9.73 1.93 9.63
C ASN A 258 -8.54 1.99 8.70
N ARG A 259 -7.69 0.97 8.75
CA ARG A 259 -6.42 0.98 8.04
C ARG A 259 -6.56 1.04 6.52
N LEU A 260 -7.74 0.77 5.98
CA LEU A 260 -7.97 0.92 4.55
C LEU A 260 -8.16 2.40 4.22
N GLU A 261 -8.26 3.23 5.25
CA GLU A 261 -8.44 4.66 5.06
C GLU A 261 -7.24 5.48 5.52
N GLY A 262 -6.47 4.96 6.47
CA GLY A 262 -5.33 5.68 7.00
C GLY A 262 -4.46 4.91 7.96
N ASP A 263 -3.33 5.50 8.34
CA ASP A 263 -2.41 4.88 9.27
C ASP A 263 -2.42 5.56 10.65
N GLN A 264 -2.50 6.89 10.66
CA GLN A 264 -2.48 7.65 11.90
C GLN A 264 -3.68 7.34 12.80
N ILE A 265 -3.43 7.22 14.10
CA ILE A 265 -4.53 7.19 15.08
C ILE A 265 -4.90 8.62 15.39
N THR A 266 -5.99 9.08 14.79
CA THR A 266 -6.37 10.48 14.87
C THR A 266 -7.48 10.75 15.88
N ILE A 267 -8.16 9.70 16.33
CA ILE A 267 -9.22 9.87 17.31
C ILE A 267 -8.64 10.44 18.60
N SER A 268 -9.45 11.19 19.33
CA SER A 268 -8.99 11.84 20.54
C SER A 268 -8.59 10.83 21.60
N THR A 269 -7.75 11.27 22.53
CA THR A 269 -7.38 10.45 23.68
C THR A 269 -8.62 9.95 24.42
N ASP A 270 -9.61 10.82 24.60
CA ASP A 270 -10.82 10.45 25.31
C ASP A 270 -11.60 9.37 24.56
N GLU A 271 -11.72 9.52 23.24
CA GLU A 271 -12.44 8.54 22.45
C GLU A 271 -11.69 7.21 22.41
N PHE A 272 -10.36 7.25 22.35
CA PHE A 272 -9.57 6.02 22.38
C PHE A 272 -9.84 5.25 23.67
N THR A 273 -9.83 5.97 24.79
CA THR A 273 -10.08 5.37 26.10
C THR A 273 -11.48 4.77 26.14
N LEU A 274 -12.45 5.51 25.64
CA LEU A 274 -13.83 5.04 25.55
C LEU A 274 -13.93 3.78 24.69
N PHE A 275 -13.31 3.81 23.52
CA PHE A 275 -13.29 2.65 22.63
C PHE A 275 -12.66 1.44 23.31
N ALA A 276 -11.56 1.67 24.00
CA ALA A 276 -10.78 0.57 24.59
C ALA A 276 -11.54 -0.15 25.71
N GLN A 277 -12.59 0.49 26.24
CA GLN A 277 -13.42 -0.12 27.27
C GLN A 277 -14.56 -0.97 26.70
N ARG A 278 -14.78 -0.88 25.39
CA ARG A 278 -15.88 -1.61 24.76
C ARG A 278 -15.73 -3.14 24.80
N PRO A 279 -14.50 -3.67 24.61
CA PRO A 279 -14.41 -5.13 24.79
C PRO A 279 -14.87 -5.60 26.18
N GLY A 280 -14.52 -4.85 27.22
CA GLY A 280 -14.89 -5.21 28.58
C GLY A 280 -16.37 -5.05 28.85
N GLN A 281 -16.99 -4.11 28.15
CA GLN A 281 -18.43 -3.90 28.24
C GLN A 281 -19.17 -5.16 27.81
N LEU A 282 -18.72 -5.77 26.72
CA LEU A 282 -19.33 -7.00 26.23
C LEU A 282 -18.95 -8.21 27.08
N VAL A 283 -17.65 -8.34 27.37
CA VAL A 283 -17.14 -9.50 28.08
C VAL A 283 -17.54 -9.49 29.55
N GLY A 284 -17.64 -8.29 30.13
CA GLY A 284 -18.12 -8.14 31.49
C GLY A 284 -19.50 -8.76 31.68
N GLU A 285 -20.39 -8.55 30.72
CA GLU A 285 -21.73 -9.13 30.80
C GLU A 285 -21.66 -10.65 30.60
N TYR A 286 -20.79 -11.09 29.70
CA TYR A 286 -20.57 -12.50 29.50
C TYR A 286 -20.11 -13.19 30.79
N LEU A 287 -19.15 -12.57 31.48
CA LEU A 287 -18.61 -13.13 32.72
C LEU A 287 -19.69 -13.21 33.80
N LYS A 288 -20.54 -12.18 33.87
CA LYS A 288 -21.65 -12.16 34.83
C LYS A 288 -22.64 -13.30 34.58
N ARG A 289 -22.79 -13.70 33.32
CA ARG A 289 -23.76 -14.73 32.98
C ARG A 289 -23.16 -16.13 32.92
N ASN A 290 -21.84 -16.24 33.11
CA ASN A 290 -21.19 -17.54 32.99
C ASN A 290 -20.26 -17.87 34.15
N ASN A 291 -20.61 -17.39 35.35
CA ASN A 291 -19.96 -17.77 36.59
C ASN A 291 -18.51 -17.27 36.69
N GLY A 292 -18.24 -16.12 36.08
CA GLY A 292 -16.96 -15.46 36.25
C GLY A 292 -16.95 -14.76 37.60
N ILE A 293 -18.07 -14.14 37.93
CA ILE A 293 -18.25 -13.51 39.23
C ILE A 293 -19.43 -14.11 39.98
N ILE A 294 -19.45 -13.90 41.29
CA ILE A 294 -20.58 -14.23 42.13
C ILE A 294 -21.47 -13.00 42.16
N VAL A 295 -22.71 -13.14 41.70
CA VAL A 295 -23.59 -11.99 41.57
C VAL A 295 -24.27 -11.68 42.89
N ARG A 296 -23.57 -10.94 43.76
CA ARG A 296 -24.11 -10.58 45.05
C ARG A 296 -25.18 -9.50 44.92
N ILE B 7 17.63 8.41 3.97
CA ILE B 7 17.55 8.09 5.39
C ILE B 7 16.26 8.65 5.99
N VAL B 8 15.49 9.37 5.18
CA VAL B 8 14.23 9.99 5.64
C VAL B 8 13.03 9.43 4.88
N ASN B 9 12.02 8.98 5.64
CA ASN B 9 10.75 8.56 5.09
C ASN B 9 9.99 9.73 4.47
N SER B 10 9.89 9.75 3.14
CA SER B 10 9.27 10.87 2.44
C SER B 10 7.78 11.04 2.77
N HIS B 11 7.14 9.98 3.24
CA HIS B 11 5.70 10.03 3.51
C HIS B 11 5.35 10.96 4.68
N LEU B 12 6.31 11.21 5.56
CA LEU B 12 6.06 12.05 6.73
C LEU B 12 5.67 13.48 6.34
N SER B 13 6.22 13.95 5.23
CA SER B 13 5.94 15.31 4.76
C SER B 13 4.53 15.43 4.17
N GLU B 14 3.87 14.30 3.97
CA GLU B 14 2.48 14.32 3.51
C GLU B 14 1.54 14.71 4.65
N LEU B 15 2.03 14.56 5.88
CA LEU B 15 1.21 14.80 7.06
C LEU B 15 1.30 16.25 7.54
N ASP B 16 0.14 16.88 7.72
CA ASP B 16 0.10 18.21 8.32
C ASP B 16 0.44 18.12 9.79
N GLU B 17 -0.05 17.06 10.42
CA GLU B 17 0.24 16.76 11.82
C GLU B 17 0.59 15.30 11.96
N ASP B 18 1.65 15.02 12.72
CA ASP B 18 2.08 13.64 12.97
C ASP B 18 1.83 13.27 14.43
N VAL B 19 0.98 12.27 14.64
CA VAL B 19 0.62 11.83 15.98
C VAL B 19 1.56 10.74 16.48
N PHE B 20 2.26 11.02 17.58
CA PHE B 20 3.10 10.00 18.22
C PHE B 20 2.23 9.22 19.19
N HIS B 21 1.53 8.22 18.68
CA HIS B 21 0.44 7.57 19.41
C HIS B 21 0.86 7.02 20.77
N HIS B 22 2.05 6.45 20.84
CA HIS B 22 2.46 5.73 22.04
C HIS B 22 3.15 6.64 23.05
N PHE B 23 3.33 7.91 22.69
CA PHE B 23 3.86 8.91 23.61
C PHE B 23 2.81 9.98 23.94
N GLY B 24 1.67 9.91 23.26
CA GLY B 24 0.56 10.80 23.56
C GLY B 24 0.77 12.28 23.29
N PHE B 25 1.49 12.61 22.21
CA PHE B 25 1.54 13.99 21.75
C PHE B 25 1.69 14.00 20.22
N THR B 26 1.68 15.18 19.61
CA THR B 26 1.81 15.32 18.16
C THR B 26 2.86 16.36 17.78
N THR B 27 3.11 16.54 16.49
CA THR B 27 4.03 17.57 16.03
C THR B 27 3.50 18.97 16.33
N LYS B 28 2.21 19.08 16.62
CA LYS B 28 1.60 20.36 16.97
C LYS B 28 1.67 20.65 18.48
N SER B 29 2.10 19.66 19.25
CA SER B 29 2.14 19.78 20.71
C SER B 29 3.21 20.76 21.18
N PHE B 30 4.38 20.69 20.54
CA PHE B 30 5.48 21.61 20.83
C PHE B 30 6.22 22.02 19.56
N ASP B 31 7.15 22.94 19.72
CA ASP B 31 8.13 23.23 18.69
C ASP B 31 9.29 22.26 18.87
N PHE B 32 9.36 21.25 18.02
CA PHE B 32 10.32 20.16 18.24
C PHE B 32 11.76 20.62 18.14
N LYS B 33 12.06 21.53 17.21
CA LYS B 33 13.42 22.07 17.11
C LYS B 33 13.82 22.76 18.40
N GLU B 34 12.98 23.67 18.89
CA GLU B 34 13.24 24.39 20.13
C GLU B 34 13.37 23.44 21.32
N LYS B 35 12.43 22.50 21.40
CA LYS B 35 12.33 21.64 22.57
C LYS B 35 13.37 20.53 22.59
N PHE B 36 13.60 19.90 21.44
CA PHE B 36 14.42 18.69 21.40
C PHE B 36 15.73 18.84 20.61
N GLY B 37 15.92 19.98 19.96
CA GLY B 37 17.02 20.16 19.03
C GLY B 37 18.44 19.95 19.54
N ASP B 38 18.63 20.03 20.86
CA ASP B 38 19.94 19.90 21.46
C ASP B 38 20.25 18.47 21.95
N VAL B 39 19.33 17.54 21.72
CA VAL B 39 19.49 16.17 22.17
C VAL B 39 20.63 15.47 21.43
N LYS B 40 21.52 14.82 22.17
CA LYS B 40 22.61 14.06 21.56
C LYS B 40 22.71 12.65 22.16
N PHE B 41 21.84 12.36 23.13
CA PHE B 41 21.81 11.06 23.79
C PHE B 41 20.37 10.63 24.11
N VAL B 42 20.05 9.37 23.86
CA VAL B 42 18.78 8.80 24.30
C VAL B 42 19.02 7.54 25.12
N CYS B 43 18.72 7.62 26.41
CA CYS B 43 18.88 6.48 27.32
C CYS B 43 17.55 5.76 27.50
N VAL B 44 17.56 4.44 27.29
CA VAL B 44 16.33 3.66 27.36
C VAL B 44 16.50 2.39 28.18
N CYS B 45 15.40 1.89 28.72
CA CYS B 45 15.37 0.55 29.31
C CYS B 45 13.93 0.07 29.36
N GLY B 46 13.73 -1.14 29.88
CA GLY B 46 12.41 -1.75 29.86
C GLY B 46 11.42 -1.19 30.86
N SER B 47 11.90 -0.44 31.85
CA SER B 47 11.04 -0.01 32.95
C SER B 47 10.92 1.51 33.05
N SER B 48 9.68 2.00 33.10
CA SER B 48 9.42 3.44 33.24
C SER B 48 9.96 3.98 34.56
N GLY B 49 9.78 3.18 35.62
CA GLY B 49 10.29 3.55 36.94
C GLY B 49 11.80 3.68 36.99
N ARG B 50 12.49 2.72 36.42
N ARG B 50 12.51 2.72 36.43
CA ARG B 50 13.95 2.71 36.46
CA ARG B 50 13.97 2.75 36.47
C ARG B 50 14.55 3.87 35.65
C ARG B 50 14.53 3.92 35.67
N ILE B 51 13.97 4.17 34.50
CA ILE B 51 14.50 5.22 33.64
C ILE B 51 14.16 6.60 34.23
N HIS B 52 13.02 6.72 34.91
CA HIS B 52 12.70 7.98 35.59
C HIS B 52 13.70 8.24 36.71
N ASN B 53 13.98 7.20 37.50
CA ASN B 53 14.95 7.32 38.57
C ASN B 53 16.35 7.65 38.07
N PHE B 54 16.69 7.16 36.88
CA PHE B 54 17.98 7.46 36.31
C PHE B 54 18.02 8.91 35.84
N ALA B 55 16.94 9.36 35.21
CA ALA B 55 16.81 10.75 34.81
C ALA B 55 16.97 11.67 36.01
N ILE B 56 16.33 11.31 37.12
CA ILE B 56 16.41 12.09 38.35
C ILE B 56 17.85 12.20 38.84
N SER B 57 18.58 11.10 38.80
CA SER B 57 19.96 11.10 39.28
C SER B 57 20.88 11.88 38.33
N MET B 58 20.54 11.91 37.04
CA MET B 58 21.29 12.73 36.10
C MET B 58 20.98 14.22 36.33
N ALA B 59 19.73 14.51 36.67
CA ALA B 59 19.32 15.87 36.98
C ALA B 59 20.09 16.40 38.19
N LYS B 60 20.31 15.53 39.17
CA LYS B 60 21.08 15.90 40.35
C LYS B 60 22.54 16.12 40.00
N LEU B 61 23.10 15.22 39.18
CA LEU B 61 24.47 15.38 38.71
C LEU B 61 24.66 16.71 37.97
N ALA B 62 23.65 17.11 37.23
CA ALA B 62 23.71 18.34 36.44
C ALA B 62 23.42 19.57 37.32
N GLY B 63 23.13 19.32 38.59
CA GLY B 63 22.88 20.40 39.53
C GLY B 63 21.52 21.06 39.38
N LEU B 64 20.59 20.37 38.74
CA LEU B 64 19.21 20.85 38.69
C LEU B 64 18.48 20.47 39.97
N ALA B 65 17.67 21.39 40.48
CA ALA B 65 16.94 21.16 41.72
C ALA B 65 15.45 20.91 41.46
N LEU B 66 15.01 21.25 40.26
CA LEU B 66 13.61 21.10 39.88
C LEU B 66 13.29 19.66 39.48
N PRO B 67 12.03 19.22 39.70
CA PRO B 67 11.62 17.84 39.40
C PRO B 67 11.69 17.49 37.92
N VAL B 68 12.01 16.23 37.62
CA VAL B 68 12.01 15.76 36.23
C VAL B 68 10.61 15.35 35.82
N GLU B 69 10.00 16.11 34.93
CA GLU B 69 8.60 15.85 34.59
C GLU B 69 8.46 15.13 33.25
N ASN B 70 7.41 14.31 33.19
CA ASN B 70 7.08 13.51 32.03
C ASN B 70 6.63 14.41 30.88
N ILE B 71 7.23 14.21 29.71
CA ILE B 71 6.88 14.97 28.51
C ILE B 71 5.74 14.29 27.78
N ALA B 72 5.68 12.96 27.88
CA ALA B 72 4.62 12.18 27.29
C ALA B 72 3.26 12.52 27.92
N GLY B 73 2.19 12.25 27.19
CA GLY B 73 0.84 12.44 27.71
C GLY B 73 0.54 11.40 28.78
N SER B 74 -0.44 11.70 29.63
CA SER B 74 -0.72 10.87 30.81
C SER B 74 -1.28 9.48 30.50
N HIS B 75 -1.96 9.35 29.36
CA HIS B 75 -2.52 8.04 28.98
C HIS B 75 -1.59 7.25 28.07
N ALA B 76 -0.37 7.75 27.89
CA ALA B 76 0.55 7.17 26.91
C ALA B 76 1.13 5.84 27.38
N ARG B 77 1.54 5.02 26.43
CA ARG B 77 2.17 3.74 26.71
C ARG B 77 3.56 3.90 27.30
N PHE B 78 4.28 4.91 26.82
CA PHE B 78 5.66 5.16 27.23
C PHE B 78 5.82 6.49 27.97
N VAL B 79 6.90 6.60 28.73
CA VAL B 79 7.25 7.87 29.35
C VAL B 79 8.41 8.51 28.57
N LEU B 80 8.60 9.82 28.78
CA LEU B 80 9.70 10.55 28.16
C LEU B 80 10.17 11.70 29.04
N TYR B 81 11.45 11.71 29.38
CA TYR B 81 12.03 12.80 30.17
C TYR B 81 13.18 13.45 29.42
N LYS B 82 13.53 14.67 29.80
CA LYS B 82 14.70 15.33 29.24
C LYS B 82 15.53 16.00 30.32
N VAL B 83 16.81 15.70 30.33
CA VAL B 83 17.78 16.38 31.19
C VAL B 83 18.93 16.88 30.32
N ASP B 84 19.01 18.20 30.17
CA ASP B 84 20.00 18.83 29.30
C ASP B 84 20.00 18.15 27.92
N HIS B 85 21.13 17.60 27.48
CA HIS B 85 21.21 17.04 26.13
C HIS B 85 20.80 15.55 26.06
N ILE B 86 20.13 15.08 27.11
CA ILE B 86 19.75 13.66 27.17
C ILE B 86 18.24 13.45 27.21
N LEU B 87 17.76 12.58 26.33
CA LEU B 87 16.38 12.09 26.35
C LEU B 87 16.31 10.76 27.11
N PHE B 88 15.21 10.53 27.83
CA PHE B 88 15.00 9.28 28.55
C PHE B 88 13.64 8.67 28.21
N ALA B 89 13.61 7.40 27.83
CA ALA B 89 12.34 6.75 27.50
C ALA B 89 12.37 5.29 27.88
N ASP B 90 11.22 4.70 28.16
CA ASP B 90 11.16 3.25 28.39
C ASP B 90 10.76 2.57 27.09
N HIS B 91 10.90 1.24 27.01
CA HIS B 91 10.56 0.55 25.77
C HIS B 91 9.86 -0.80 25.97
N GLY B 92 9.38 -1.07 27.18
CA GLY B 92 8.73 -2.33 27.45
C GLY B 92 9.67 -3.51 27.24
N MET B 93 9.11 -4.71 27.09
CA MET B 93 9.93 -5.91 26.94
C MET B 93 9.72 -6.52 25.57
N GLY B 94 10.82 -6.78 24.87
CA GLY B 94 10.74 -7.46 23.60
C GLY B 94 10.95 -6.54 22.41
N ILE B 95 11.40 -7.13 21.31
CA ILE B 95 11.70 -6.39 20.09
C ILE B 95 10.52 -5.59 19.52
N PRO B 96 9.30 -6.17 19.46
CA PRO B 96 8.20 -5.36 18.91
C PRO B 96 7.89 -4.11 19.73
N SER B 97 7.99 -4.22 21.05
CA SER B 97 7.75 -3.07 21.92
C SER B 97 8.85 -2.03 21.70
N ALA B 98 10.09 -2.50 21.66
CA ALA B 98 11.25 -1.62 21.45
C ALA B 98 11.16 -0.91 20.10
N LEU B 99 10.67 -1.61 19.08
CA LEU B 99 10.56 -1.01 17.75
C LEU B 99 9.53 0.13 17.73
N ILE B 100 8.49 0.04 18.55
CA ILE B 100 7.52 1.12 18.63
C ILE B 100 8.19 2.37 19.20
N MET B 101 8.90 2.20 20.31
CA MET B 101 9.69 3.30 20.88
C MET B 101 10.69 3.85 19.87
N LEU B 102 11.41 2.96 19.19
CA LEU B 102 12.43 3.36 18.22
C LEU B 102 11.84 4.21 17.09
N HIS B 103 10.73 3.75 16.51
CA HIS B 103 10.12 4.49 15.41
C HIS B 103 9.68 5.89 15.84
N GLU B 104 9.02 5.99 16.99
CA GLU B 104 8.47 7.29 17.36
C GLU B 104 9.57 8.22 17.88
N VAL B 105 10.58 7.68 18.55
CA VAL B 105 11.68 8.54 19.00
C VAL B 105 12.58 8.98 17.85
N THR B 106 12.87 8.11 16.90
CA THR B 106 13.73 8.55 15.80
C THR B 106 12.96 9.55 14.92
N LYS B 107 11.64 9.43 14.83
CA LYS B 107 10.86 10.46 14.14
C LYS B 107 10.96 11.80 14.90
N LEU B 108 10.94 11.74 16.21
CA LEU B 108 11.05 12.94 17.04
C LEU B 108 12.38 13.63 16.77
N LEU B 109 13.45 12.86 16.75
CA LEU B 109 14.78 13.40 16.48
C LEU B 109 14.84 14.05 15.08
N HIS B 110 14.15 13.44 14.12
CA HIS B 110 14.08 13.99 12.77
C HIS B 110 13.40 15.36 12.73
N TYR B 111 12.20 15.46 13.30
CA TYR B 111 11.48 16.72 13.35
C TYR B 111 12.24 17.80 14.11
N ALA B 112 13.02 17.38 15.10
CA ALA B 112 13.80 18.32 15.91
C ALA B 112 15.13 18.70 15.24
N GLY B 113 15.48 17.99 14.17
CA GLY B 113 16.70 18.27 13.44
C GLY B 113 17.95 17.69 14.09
N CYS B 114 17.77 16.74 15.00
CA CYS B 114 18.90 16.11 15.68
C CYS B 114 19.67 15.18 14.75
N LYS B 115 20.99 15.27 14.81
CA LYS B 115 21.86 14.45 13.97
C LYS B 115 22.78 13.57 14.80
N ASP B 116 23.01 12.35 14.34
CA ASP B 116 24.02 11.45 14.91
C ASP B 116 23.89 11.33 16.43
N VAL B 117 22.72 10.90 16.88
CA VAL B 117 22.43 10.75 18.30
C VAL B 117 22.84 9.35 18.77
N LEU B 118 23.37 9.26 19.98
CA LEU B 118 23.71 7.96 20.55
C LEU B 118 22.58 7.42 21.42
N PHE B 119 22.05 6.26 21.03
CA PHE B 119 21.10 5.53 21.86
C PHE B 119 21.87 4.63 22.82
N ILE B 120 21.51 4.66 24.09
CA ILE B 120 22.11 3.80 25.08
C ILE B 120 21.04 2.99 25.78
N ARG B 121 21.04 1.67 25.56
CA ARG B 121 20.11 0.81 26.27
C ARG B 121 20.75 0.34 27.58
N LEU B 122 20.09 0.69 28.69
CA LEU B 122 20.58 0.36 30.02
C LEU B 122 19.75 -0.80 30.58
N GLY B 123 20.06 -2.02 30.16
CA GLY B 123 19.19 -3.14 30.44
C GLY B 123 19.61 -4.11 31.53
N THR B 124 18.81 -5.17 31.65
CA THR B 124 19.13 -6.31 32.48
C THR B 124 19.16 -7.53 31.55
N SER B 125 19.82 -8.60 31.99
CA SER B 125 20.07 -9.73 31.11
C SER B 125 20.47 -10.95 31.90
N GLY B 126 20.55 -12.10 31.22
CA GLY B 126 21.10 -13.29 31.84
C GLY B 126 22.55 -13.42 31.41
N GLY B 127 23.43 -13.73 32.36
CA GLY B 127 24.85 -13.85 32.04
C GLY B 127 25.27 -15.24 31.56
N LEU B 128 26.32 -15.27 30.75
CA LEU B 128 26.95 -16.51 30.32
C LEU B 128 28.38 -16.58 30.85
N GLY B 129 28.58 -17.34 31.93
CA GLY B 129 29.91 -17.53 32.47
C GLY B 129 30.46 -16.33 33.21
N VAL B 130 29.58 -15.42 33.60
CA VAL B 130 29.95 -14.29 34.45
C VAL B 130 29.04 -14.26 35.66
N LYS B 131 29.55 -13.74 36.78
CA LYS B 131 28.78 -13.73 38.02
C LYS B 131 27.66 -12.69 37.97
N PRO B 132 26.55 -12.96 38.68
CA PRO B 132 25.44 -12.01 38.72
C PRO B 132 25.88 -10.62 39.19
N GLY B 133 25.31 -9.58 38.60
CA GLY B 133 25.66 -8.21 38.96
C GLY B 133 26.75 -7.63 38.08
N THR B 134 27.21 -8.41 37.11
CA THR B 134 28.25 -7.97 36.17
C THR B 134 27.67 -7.10 35.06
N ILE B 135 28.38 -6.02 34.72
CA ILE B 135 28.00 -5.21 33.57
C ILE B 135 28.65 -5.73 32.29
N VAL B 136 27.83 -6.05 31.29
CA VAL B 136 28.33 -6.43 29.98
C VAL B 136 28.13 -5.30 28.98
N LEU B 137 29.24 -4.88 28.36
CA LEU B 137 29.20 -3.95 27.24
C LEU B 137 29.16 -4.74 25.94
N SER B 138 28.03 -4.73 25.24
CA SER B 138 27.89 -5.52 24.01
C SER B 138 28.85 -5.03 22.92
N ASP B 139 29.64 -5.93 22.34
CA ASP B 139 30.44 -5.53 21.18
C ASP B 139 29.81 -6.07 19.89
N ARG B 140 28.74 -6.83 20.04
CA ARG B 140 27.89 -7.23 18.91
C ARG B 140 26.55 -7.74 19.44
N CYS B 141 25.48 -7.48 18.68
CA CYS B 141 24.16 -7.98 19.06
C CYS B 141 23.67 -8.97 18.00
N VAL B 142 23.36 -10.19 18.44
CA VAL B 142 22.96 -11.24 17.50
C VAL B 142 21.65 -11.91 17.90
N ASN B 143 21.02 -12.59 16.96
CA ASN B 143 19.79 -13.31 17.28
C ASN B 143 20.10 -14.67 17.88
N THR B 144 19.07 -15.48 18.08
CA THR B 144 19.23 -16.78 18.72
C THR B 144 19.96 -17.80 17.83
N LYS B 145 20.18 -17.44 16.56
CA LYS B 145 21.02 -18.25 15.68
C LYS B 145 22.44 -17.68 15.59
N LEU B 146 22.73 -16.70 16.45
CA LEU B 146 24.03 -16.03 16.52
C LEU B 146 24.36 -15.23 15.26
N GLU B 147 23.32 -14.73 14.60
CA GLU B 147 23.47 -13.89 13.41
C GLU B 147 23.30 -12.41 13.75
N PRO B 148 24.23 -11.55 13.28
CA PRO B 148 24.16 -10.11 13.58
C PRO B 148 23.13 -9.40 12.72
N TYR B 149 21.87 -9.78 12.89
CA TYR B 149 20.76 -9.25 12.10
C TYR B 149 19.47 -9.24 12.90
N ASN B 150 18.63 -8.24 12.64
CA ASN B 150 17.26 -8.27 13.11
C ASN B 150 16.37 -8.71 11.96
N GLU B 151 15.48 -9.66 12.22
CA GLU B 151 14.58 -10.15 11.18
C GLU B 151 13.22 -9.49 11.31
N LEU B 152 12.65 -9.09 10.18
CA LEU B 152 11.31 -8.51 10.15
C LEU B 152 10.52 -9.15 9.01
N CYS B 153 9.20 -9.06 9.09
CA CYS B 153 8.34 -9.51 8.00
C CYS B 153 7.48 -8.33 7.55
N ILE B 154 7.86 -7.72 6.43
CA ILE B 154 7.22 -6.49 5.97
C ILE B 154 6.43 -6.76 4.70
N LEU B 155 5.12 -6.44 4.76
CA LEU B 155 4.16 -6.82 3.72
C LEU B 155 4.22 -8.31 3.45
N GLY B 156 4.46 -9.10 4.50
CA GLY B 156 4.50 -10.53 4.39
C GLY B 156 5.78 -11.09 3.79
N LYS B 157 6.79 -10.24 3.63
CA LYS B 157 8.05 -10.68 3.05
C LYS B 157 9.21 -10.50 4.01
N PRO B 158 10.13 -11.49 4.04
CA PRO B 158 11.26 -11.44 4.98
C PRO B 158 12.27 -10.35 4.66
N VAL B 159 12.67 -9.62 5.70
CA VAL B 159 13.65 -8.56 5.59
C VAL B 159 14.67 -8.74 6.72
N ARG B 160 15.95 -8.50 6.45
CA ARG B 160 16.98 -8.64 7.47
C ARG B 160 17.81 -7.37 7.56
N ARG B 161 18.02 -6.88 8.78
CA ARG B 161 18.76 -5.65 8.98
C ARG B 161 19.94 -5.86 9.92
N GLN B 162 21.14 -5.58 9.42
CA GLN B 162 22.38 -5.81 10.14
C GLN B 162 22.45 -4.97 11.42
N THR B 163 23.04 -5.54 12.46
CA THR B 163 23.23 -4.84 13.73
C THR B 163 24.60 -4.18 13.76
N ILE B 164 24.65 -2.93 14.21
CA ILE B 164 25.90 -2.18 14.28
C ILE B 164 26.04 -1.51 15.64
N VAL B 165 27.06 -1.90 16.39
CA VAL B 165 27.34 -1.31 17.70
C VAL B 165 28.42 -0.23 17.57
N ASP B 166 28.27 0.86 18.32
CA ASP B 166 29.27 1.93 18.37
C ASP B 166 30.47 1.45 19.21
N LEU B 167 31.42 0.79 18.56
CA LEU B 167 32.54 0.16 19.27
C LEU B 167 33.49 1.18 19.90
N ASN B 168 33.62 2.35 19.30
CA ASN B 168 34.43 3.42 19.89
C ASN B 168 33.91 3.78 21.27
N THR B 169 32.61 3.95 21.38
CA THR B 169 31.99 4.33 22.64
C THR B 169 32.09 3.19 23.65
N VAL B 170 31.91 1.96 23.18
CA VAL B 170 32.11 0.78 24.02
C VAL B 170 33.51 0.77 24.63
N ASN B 171 34.52 0.98 23.80
CA ASN B 171 35.90 0.98 24.27
C ASN B 171 36.14 2.10 25.28
N GLU B 172 35.53 3.26 25.05
CA GLU B 172 35.66 4.38 25.97
C GLU B 172 35.02 4.04 27.32
N LEU B 173 33.89 3.34 27.27
CA LEU B 173 33.20 2.94 28.50
C LEU B 173 34.04 1.92 29.27
N LYS B 174 34.69 0.99 28.55
CA LYS B 174 35.57 0.03 29.19
C LYS B 174 36.74 0.75 29.87
N LYS B 175 37.33 1.71 29.16
CA LYS B 175 38.44 2.50 29.69
C LYS B 175 38.00 3.29 30.92
N LEU B 176 36.82 3.89 30.84
CA LEU B 176 36.28 4.66 31.96
C LEU B 176 36.06 3.78 33.19
N SER B 177 35.56 2.57 32.98
CA SER B 177 35.29 1.65 34.08
C SER B 177 36.59 1.29 34.81
N GLU B 178 37.70 1.27 34.08
CA GLU B 178 38.99 0.93 34.66
C GLU B 178 39.48 2.02 35.62
N ASN B 179 38.87 3.20 35.53
CA ASN B 179 39.25 4.32 36.39
C ASN B 179 38.17 4.71 37.39
N LEU B 180 37.25 3.78 37.65
CA LEU B 180 36.19 4.02 38.62
C LEU B 180 36.18 2.93 39.70
N SER B 181 35.71 3.29 40.89
CA SER B 181 35.55 2.32 41.96
C SER B 181 34.16 1.69 41.87
N LEU B 182 34.00 0.74 40.96
CA LEU B 182 32.73 0.06 40.79
C LEU B 182 32.67 -1.17 41.68
N GLU B 183 31.46 -1.51 42.11
CA GLU B 183 31.23 -2.66 42.97
C GLU B 183 31.21 -3.96 42.17
N CYS B 184 31.33 -3.82 40.85
CA CYS B 184 31.14 -4.94 39.95
C CYS B 184 32.21 -5.01 38.87
N SER B 185 32.25 -6.15 38.16
CA SER B 185 33.13 -6.30 37.00
C SER B 185 32.45 -5.74 35.76
N VAL B 186 33.25 -5.19 34.85
CA VAL B 186 32.75 -4.74 33.55
C VAL B 186 33.36 -5.60 32.45
N VAL B 187 32.52 -6.14 31.58
CA VAL B 187 32.96 -7.12 30.59
C VAL B 187 32.49 -6.75 29.18
N VAL B 188 33.37 -6.89 28.20
CA VAL B 188 32.99 -6.68 26.80
C VAL B 188 32.73 -8.03 26.13
N GLY B 189 31.57 -8.20 25.52
CA GLY B 189 31.20 -9.47 24.93
C GLY B 189 29.97 -9.39 24.05
N GLY B 190 29.64 -10.48 23.39
CA GLY B 190 28.48 -10.54 22.52
C GLY B 190 27.18 -10.71 23.29
N THR B 191 26.08 -10.30 22.69
CA THR B 191 24.77 -10.32 23.35
C THR B 191 23.69 -10.90 22.44
N ILE B 192 23.07 -11.99 22.88
CA ILE B 192 21.92 -12.56 22.17
C ILE B 192 20.64 -11.81 22.53
N ALA B 193 19.84 -11.49 21.52
CA ALA B 193 18.49 -10.98 21.71
C ALA B 193 17.50 -12.08 21.37
N ALA B 194 16.60 -12.38 22.30
CA ALA B 194 15.60 -13.44 22.08
C ALA B 194 14.17 -12.90 22.14
N ASN B 195 13.23 -13.63 21.54
CA ASN B 195 11.82 -13.22 21.49
C ASN B 195 10.97 -13.91 22.55
N ASP B 196 11.59 -14.23 23.68
CA ASP B 196 10.97 -15.05 24.70
C ASP B 196 11.91 -15.02 25.89
N PHE B 197 11.36 -15.03 27.10
CA PHE B 197 12.18 -15.11 28.30
C PHE B 197 12.58 -16.55 28.58
N TYR B 198 11.71 -17.48 28.20
CA TYR B 198 11.87 -18.87 28.62
C TYR B 198 12.47 -19.78 27.56
N GLU B 199 11.66 -20.29 26.64
CA GLU B 199 12.15 -21.35 25.74
C GLU B 199 13.25 -20.89 24.78
N GLU B 200 13.09 -19.71 24.18
CA GLU B 200 14.09 -19.23 23.23
C GLU B 200 15.43 -18.94 23.92
N GLN B 201 15.40 -18.75 25.23
CA GLN B 201 16.62 -18.51 25.98
C GLN B 201 17.15 -19.80 26.61
N GLY B 202 16.50 -20.91 26.29
CA GLY B 202 16.95 -22.21 26.75
C GLY B 202 16.67 -22.48 28.21
N ARG B 203 15.69 -21.78 28.77
CA ARG B 203 15.29 -22.02 30.15
C ARG B 203 14.51 -23.33 30.25
N LEU B 204 14.73 -24.05 31.33
CA LEU B 204 14.06 -25.32 31.56
C LEU B 204 12.79 -25.15 32.39
N ASP B 205 12.57 -23.93 32.88
CA ASP B 205 11.51 -23.71 33.86
C ASP B 205 10.30 -22.91 33.35
N GLY B 206 10.08 -22.93 32.04
CA GLY B 206 8.89 -22.32 31.48
C GLY B 206 7.65 -23.18 31.69
N SER B 207 6.52 -22.77 31.14
CA SER B 207 5.31 -23.57 31.23
C SER B 207 5.36 -24.69 30.20
N ILE B 208 6.23 -24.50 29.21
CA ILE B 208 6.51 -25.51 28.18
C ILE B 208 8.02 -25.65 28.04
N CYS B 209 8.49 -26.88 27.90
CA CYS B 209 9.90 -27.13 27.62
C CYS B 209 10.06 -28.42 26.84
N THR B 210 10.63 -28.31 25.64
CA THR B 210 10.73 -29.46 24.75
C THR B 210 12.16 -29.99 24.61
N PHE B 211 13.03 -29.61 25.55
CA PHE B 211 14.42 -30.03 25.51
C PHE B 211 14.97 -30.40 26.89
N SER B 212 16.13 -31.05 26.91
CA SER B 212 16.76 -31.48 28.15
C SER B 212 17.83 -30.51 28.62
N LYS B 213 18.32 -30.72 29.84
CA LYS B 213 19.38 -29.89 30.41
C LYS B 213 20.65 -29.94 29.57
N GLU B 214 20.95 -31.12 29.03
CA GLU B 214 22.14 -31.29 28.21
C GLU B 214 22.05 -30.46 26.92
N GLU B 215 20.87 -30.46 26.31
CA GLU B 215 20.65 -29.70 25.09
C GLU B 215 20.73 -28.20 25.35
N LYS B 216 20.18 -27.76 26.48
CA LYS B 216 20.30 -26.38 26.91
C LYS B 216 21.75 -25.97 26.99
N LEU B 217 22.54 -26.74 27.74
CA LEU B 217 23.95 -26.42 27.96
C LEU B 217 24.75 -26.48 26.66
N ALA B 218 24.37 -27.39 25.76
CA ALA B 218 25.02 -27.46 24.46
C ALA B 218 24.78 -26.18 23.68
N PHE B 219 23.56 -25.67 23.74
CA PHE B 219 23.18 -24.41 23.08
C PHE B 219 23.88 -23.22 23.73
N LEU B 220 23.89 -23.18 25.06
CA LEU B 220 24.55 -22.08 25.76
C LEU B 220 26.08 -22.12 25.66
N GLN B 221 26.66 -23.30 25.72
CA GLN B 221 28.11 -23.44 25.61
C GLN B 221 28.58 -22.99 24.23
N SER B 222 27.80 -23.35 23.21
CA SER B 222 28.09 -22.93 21.85
C SER B 222 28.05 -21.41 21.75
N ALA B 223 27.08 -20.82 22.43
CA ALA B 223 26.96 -19.36 22.48
C ALA B 223 28.20 -18.75 23.11
N TYR B 224 28.57 -19.25 24.29
CA TYR B 224 29.74 -18.76 25.00
C TYR B 224 30.99 -18.88 24.12
N GLU B 225 31.13 -20.00 23.42
CA GLU B 225 32.29 -20.23 22.56
C GLU B 225 32.29 -19.29 21.36
N HIS B 226 31.13 -18.73 21.04
CA HIS B 226 31.04 -17.72 20.00
C HIS B 226 31.18 -16.32 20.60
N GLY B 227 31.60 -16.25 21.86
CA GLY B 227 31.89 -14.98 22.50
C GLY B 227 30.72 -14.29 23.19
N ILE B 228 29.58 -14.96 23.23
CA ILE B 228 28.40 -14.41 23.89
C ILE B 228 28.57 -14.42 25.41
N ARG B 229 28.24 -13.30 26.06
CA ARG B 229 28.38 -13.21 27.52
C ARG B 229 27.07 -12.83 28.23
N ASN B 230 26.08 -12.37 27.49
CA ASN B 230 24.75 -12.20 28.08
C ASN B 230 23.64 -12.33 27.06
N MET B 231 22.41 -12.41 27.57
CA MET B 231 21.22 -12.63 26.74
C MET B 231 20.08 -11.75 27.25
N GLU B 232 19.44 -11.02 26.33
CA GLU B 232 18.32 -10.16 26.70
C GLU B 232 17.32 -10.16 25.56
N MET B 233 16.48 -9.13 25.45
CA MET B 233 15.35 -9.24 24.53
C MET B 233 15.11 -8.07 23.57
N GLU B 234 16.05 -7.13 23.46
CA GLU B 234 15.82 -5.97 22.59
C GLU B 234 17.00 -5.59 21.68
N GLY B 235 18.19 -6.12 21.95
CA GLY B 235 19.42 -5.63 21.36
C GLY B 235 19.48 -5.52 19.83
N THR B 236 18.96 -6.53 19.13
CA THR B 236 19.06 -6.55 17.68
C THR B 236 18.15 -5.50 17.04
N ALA B 237 17.09 -5.11 17.75
CA ALA B 237 16.22 -4.05 17.25
C ALA B 237 16.91 -2.70 17.39
N ILE B 238 17.41 -2.41 18.60
CA ILE B 238 18.10 -1.15 18.87
C ILE B 238 19.27 -0.92 17.91
N THR B 239 20.14 -1.92 17.78
CA THR B 239 21.39 -1.71 17.05
C THR B 239 21.26 -1.87 15.53
N SER B 240 20.10 -2.32 15.05
CA SER B 240 19.87 -2.33 13.60
C SER B 240 19.12 -1.07 13.17
N HIS B 241 18.17 -0.65 14.00
CA HIS B 241 17.29 0.45 13.65
C HIS B 241 18.00 1.80 13.70
N CYS B 242 18.81 2.03 14.73
CA CYS B 242 19.50 3.32 14.87
C CYS B 242 20.44 3.60 13.70
N TYR B 243 21.28 2.62 13.38
CA TYR B 243 22.21 2.73 12.24
C TYR B 243 21.48 3.12 10.96
N LEU B 244 20.34 2.47 10.73
CA LEU B 244 19.55 2.70 9.53
C LEU B 244 18.91 4.08 9.49
N THR B 245 18.73 4.71 10.65
CA THR B 245 18.15 6.05 10.69
C THR B 245 19.20 7.13 10.96
N GLY B 246 20.47 6.77 10.84
CA GLY B 246 21.56 7.74 10.93
C GLY B 246 22.06 8.01 12.34
N HIS B 247 21.82 7.08 13.26
CA HIS B 247 22.26 7.25 14.64
C HIS B 247 23.16 6.09 15.08
N ARG B 248 23.69 6.18 16.29
CA ARG B 248 24.55 5.13 16.85
C ARG B 248 23.85 4.49 18.04
N ALA B 249 24.28 3.26 18.39
CA ALA B 249 23.65 2.55 19.51
C ALA B 249 24.62 1.63 20.26
N ILE B 250 24.43 1.55 21.58
CA ILE B 250 25.20 0.62 22.41
C ILE B 250 24.29 -0.05 23.43
N LEU B 251 24.69 -1.23 23.90
CA LEU B 251 24.00 -1.87 25.00
C LEU B 251 24.91 -1.97 26.22
N VAL B 252 24.39 -1.50 27.35
CA VAL B 252 25.06 -1.65 28.63
C VAL B 252 24.08 -2.33 29.58
N CYS B 253 24.24 -3.64 29.75
CA CYS B 253 23.31 -4.44 30.53
C CYS B 253 24.00 -5.14 31.69
N VAL B 254 23.34 -5.14 32.85
CA VAL B 254 23.82 -5.91 34.00
C VAL B 254 23.27 -7.33 33.89
N THR B 255 23.95 -8.29 34.50
CA THR B 255 23.43 -9.66 34.55
C THR B 255 22.74 -9.92 35.90
N ALA B 256 21.69 -10.72 35.88
CA ALA B 256 20.91 -11.02 37.08
C ALA B 256 20.99 -12.49 37.49
N VAL B 257 21.69 -13.28 36.68
CA VAL B 257 21.83 -14.72 36.88
C VAL B 257 22.92 -15.25 35.96
N ASN B 258 23.62 -16.30 36.38
CA ASN B 258 24.54 -17.00 35.49
C ASN B 258 23.83 -18.20 34.89
N ARG B 259 23.42 -18.06 33.64
CA ARG B 259 22.60 -19.06 32.94
C ARG B 259 23.31 -20.38 32.73
N LEU B 260 24.63 -20.39 32.83
CA LEU B 260 25.36 -21.65 32.76
C LEU B 260 25.13 -22.44 34.05
N GLU B 261 24.66 -21.76 35.10
CA GLU B 261 24.43 -22.43 36.38
C GLU B 261 22.96 -22.65 36.69
N GLY B 262 22.08 -21.85 36.12
CA GLY B 262 20.66 -21.96 36.40
C GLY B 262 19.78 -21.05 35.56
N ASP B 263 18.48 -21.12 35.80
CA ASP B 263 17.50 -20.34 35.06
C ASP B 263 16.80 -19.33 35.95
N GLN B 264 16.44 -19.78 37.15
CA GLN B 264 15.69 -18.96 38.08
C GLN B 264 16.46 -17.70 38.49
N ILE B 265 15.76 -16.58 38.52
CA ILE B 265 16.31 -15.37 39.14
C ILE B 265 16.04 -15.46 40.63
N THR B 266 17.07 -15.86 41.38
CA THR B 266 16.91 -16.15 42.80
C THR B 266 17.31 -14.99 43.70
N ILE B 267 18.01 -14.00 43.15
CA ILE B 267 18.42 -12.86 43.96
C ILE B 267 17.19 -12.08 44.41
N SER B 268 17.30 -11.40 45.54
CA SER B 268 16.15 -10.67 46.10
C SER B 268 15.73 -9.56 45.15
N THR B 269 14.48 -9.13 45.28
CA THR B 269 13.99 -8.04 44.46
C THR B 269 14.80 -6.77 44.70
N ASP B 270 15.25 -6.57 45.93
CA ASP B 270 16.05 -5.40 46.24
C ASP B 270 17.41 -5.47 45.56
N GLU B 271 18.05 -6.63 45.59
CA GLU B 271 19.36 -6.76 44.95
C GLU B 271 19.24 -6.68 43.43
N PHE B 272 18.14 -7.18 42.88
CA PHE B 272 17.90 -7.05 41.44
C PHE B 272 17.83 -5.58 41.07
N THR B 273 17.09 -4.81 41.87
CA THR B 273 16.92 -3.38 41.60
C THR B 273 18.27 -2.68 41.70
N LEU B 274 19.07 -3.11 42.68
CA LEU B 274 20.42 -2.60 42.88
C LEU B 274 21.32 -2.89 41.67
N PHE B 275 21.33 -4.14 41.22
CA PHE B 275 22.08 -4.52 40.03
C PHE B 275 21.64 -3.71 38.80
N ALA B 276 20.34 -3.51 38.68
CA ALA B 276 19.77 -2.86 37.51
C ALA B 276 20.20 -1.38 37.43
N GLN B 277 20.66 -0.83 38.54
CA GLN B 277 21.14 0.56 38.55
C GLN B 277 22.61 0.68 38.13
N ARG B 278 23.32 -0.45 38.08
CA ARG B 278 24.75 -0.42 37.78
C ARG B 278 25.10 0.06 36.36
N PRO B 279 24.31 -0.30 35.34
CA PRO B 279 24.60 0.31 34.03
C PRO B 279 24.55 1.85 34.06
N GLY B 280 23.57 2.41 34.75
CA GLY B 280 23.47 3.86 34.87
C GLY B 280 24.56 4.48 35.72
N GLN B 281 25.11 3.69 36.63
CA GLN B 281 26.24 4.15 37.44
C GLN B 281 27.43 4.47 36.56
N LEU B 282 27.74 3.57 35.63
CA LEU B 282 28.83 3.78 34.70
C LEU B 282 28.50 4.83 33.62
N VAL B 283 27.32 4.69 33.02
CA VAL B 283 26.93 5.57 31.93
C VAL B 283 26.68 6.99 32.40
N GLY B 284 26.21 7.12 33.65
CA GLY B 284 26.03 8.43 34.26
C GLY B 284 27.32 9.25 34.26
N GLU B 285 28.41 8.61 34.69
CA GLU B 285 29.71 9.27 34.73
C GLU B 285 30.21 9.57 33.33
N TYR B 286 29.91 8.69 32.39
CA TYR B 286 30.29 8.88 31.00
C TYR B 286 29.61 10.13 30.44
N LEU B 287 28.32 10.24 30.69
CA LEU B 287 27.54 11.37 30.21
C LEU B 287 28.04 12.67 30.81
N LYS B 288 28.44 12.63 32.08
CA LYS B 288 29.00 13.81 32.73
C LYS B 288 30.29 14.23 32.07
N ARG B 289 31.09 13.27 31.64
CA ARG B 289 32.39 13.56 31.06
C ARG B 289 32.32 13.81 29.56
N ASN B 290 31.14 13.67 28.97
CA ASN B 290 31.01 13.80 27.52
C ASN B 290 29.85 14.68 27.08
N ASN B 291 29.60 15.73 27.83
CA ASN B 291 28.62 16.75 27.47
C ASN B 291 27.20 16.22 27.29
N GLY B 292 26.85 15.20 28.06
CA GLY B 292 25.46 14.76 28.13
C GLY B 292 24.70 15.76 28.97
N ILE B 293 25.25 16.05 30.15
CA ILE B 293 24.69 17.08 31.02
C ILE B 293 25.57 18.32 31.04
N ILE B 294 24.98 19.44 31.46
CA ILE B 294 25.73 20.65 31.71
C ILE B 294 26.03 20.74 33.20
N VAL B 295 27.30 20.53 33.55
CA VAL B 295 27.73 20.54 34.93
C VAL B 295 27.70 21.97 35.49
N ARG B 296 26.78 22.21 36.42
CA ARG B 296 26.59 23.54 36.98
C ARG B 296 27.26 23.66 38.34
N VAL C 8 -10.14 -10.84 -46.85
CA VAL C 8 -8.86 -10.95 -46.15
C VAL C 8 -7.80 -10.06 -46.81
N ASN C 9 -7.10 -9.28 -45.99
CA ASN C 9 -6.04 -8.39 -46.47
C ASN C 9 -4.88 -9.18 -47.09
N SER C 10 -4.74 -9.09 -48.40
CA SER C 10 -3.75 -9.87 -49.15
C SER C 10 -2.33 -9.33 -48.95
N HIS C 11 -2.23 -8.11 -48.45
CA HIS C 11 -0.91 -7.49 -48.25
C HIS C 11 -0.12 -8.18 -47.15
N LEU C 12 -0.80 -8.96 -46.32
CA LEU C 12 -0.17 -9.69 -45.23
C LEU C 12 0.67 -10.85 -45.75
N SER C 13 0.29 -11.40 -46.90
CA SER C 13 1.02 -12.49 -47.51
C SER C 13 2.37 -12.02 -48.05
N GLU C 14 2.56 -10.71 -48.09
CA GLU C 14 3.81 -10.13 -48.59
C GLU C 14 4.85 -9.97 -47.49
N LEU C 15 4.50 -10.43 -46.29
CA LEU C 15 5.38 -10.31 -45.13
C LEU C 15 5.91 -11.66 -44.65
N ASP C 16 7.20 -11.73 -44.37
CA ASP C 16 7.82 -12.95 -43.86
C ASP C 16 7.56 -13.10 -42.36
N GLU C 17 7.50 -11.95 -41.67
CA GLU C 17 7.15 -11.93 -40.26
C GLU C 17 6.24 -10.77 -39.95
N ASP C 18 5.13 -11.05 -39.27
CA ASP C 18 4.19 -10.00 -38.87
C ASP C 18 4.40 -9.63 -37.41
N VAL C 19 4.78 -8.37 -37.19
CA VAL C 19 5.13 -7.86 -35.88
C VAL C 19 3.93 -7.22 -35.18
N PHE C 20 3.45 -7.86 -34.12
CA PHE C 20 2.37 -7.28 -33.31
C PHE C 20 2.98 -6.29 -32.33
N HIS C 21 3.21 -5.07 -32.81
CA HIS C 21 4.01 -4.08 -32.11
C HIS C 21 3.46 -3.68 -30.74
N HIS C 22 2.14 -3.59 -30.62
CA HIS C 22 1.56 -3.08 -29.38
C HIS C 22 1.33 -4.20 -28.37
N PHE C 23 1.54 -5.44 -28.79
CA PHE C 23 1.41 -6.58 -27.89
C PHE C 23 2.76 -7.22 -27.54
N GLY C 24 3.80 -6.86 -28.28
CA GLY C 24 5.15 -7.30 -27.94
C GLY C 24 5.50 -8.73 -28.29
N PHE C 25 5.05 -9.20 -29.44
CA PHE C 25 5.48 -10.49 -29.99
C PHE C 25 5.22 -10.52 -31.49
N THR C 26 5.81 -11.49 -32.18
CA THR C 26 5.58 -11.61 -33.62
C THR C 26 5.05 -13.00 -33.97
N THR C 27 4.80 -13.22 -35.26
CA THR C 27 4.32 -14.52 -35.72
C THR C 27 5.39 -15.61 -35.59
N LYS C 28 6.59 -15.21 -35.18
CA LYS C 28 7.66 -16.17 -34.96
C LYS C 28 7.77 -16.54 -33.48
N SER C 29 6.92 -15.93 -32.66
CA SER C 29 6.96 -16.16 -31.22
C SER C 29 6.24 -17.44 -30.83
N PHE C 30 5.14 -17.73 -31.53
CA PHE C 30 4.35 -18.92 -31.25
C PHE C 30 3.92 -19.64 -32.51
N ASP C 31 3.52 -20.90 -32.33
CA ASP C 31 2.71 -21.60 -33.31
C ASP C 31 1.28 -21.09 -33.13
N PHE C 32 0.91 -20.08 -33.91
CA PHE C 32 -0.37 -19.39 -33.72
C PHE C 32 -1.57 -20.32 -33.83
N LYS C 33 -1.50 -21.25 -34.78
CA LYS C 33 -2.58 -22.23 -34.95
C LYS C 33 -2.73 -23.09 -33.70
N GLU C 34 -1.60 -23.55 -33.15
CA GLU C 34 -1.62 -24.44 -32.00
C GLU C 34 -1.96 -23.71 -30.70
N LYS C 35 -1.55 -22.44 -30.61
CA LYS C 35 -1.67 -21.71 -29.35
C LYS C 35 -3.02 -21.01 -29.18
N PHE C 36 -3.55 -20.47 -30.28
CA PHE C 36 -4.78 -19.69 -30.23
C PHE C 36 -5.91 -20.30 -31.03
N GLY C 37 -5.68 -21.48 -31.61
CA GLY C 37 -6.62 -22.08 -32.54
C GLY C 37 -8.00 -22.33 -32.00
N ASP C 38 -8.10 -22.64 -30.72
CA ASP C 38 -9.39 -22.94 -30.13
C ASP C 38 -10.11 -21.72 -29.55
N VAL C 39 -9.56 -20.52 -29.73
CA VAL C 39 -10.24 -19.30 -29.28
C VAL C 39 -11.55 -19.07 -30.00
N LYS C 40 -12.62 -18.89 -29.22
CA LYS C 40 -13.91 -18.52 -29.79
C LYS C 40 -14.46 -17.24 -29.18
N PHE C 41 -13.80 -16.75 -28.12
CA PHE C 41 -14.22 -15.52 -27.44
C PHE C 41 -13.02 -14.63 -27.12
N VAL C 42 -13.20 -13.32 -27.29
CA VAL C 42 -12.21 -12.34 -26.85
C VAL C 42 -12.90 -11.31 -25.96
N CYS C 43 -12.57 -11.29 -24.68
CA CYS C 43 -13.14 -10.30 -23.75
C CYS C 43 -12.19 -9.14 -23.55
N VAL C 44 -12.70 -7.91 -23.67
CA VAL C 44 -11.86 -6.73 -23.57
C VAL C 44 -12.48 -5.61 -22.73
N CYS C 45 -11.63 -4.78 -22.15
CA CYS C 45 -12.07 -3.52 -21.52
C CYS C 45 -10.89 -2.57 -21.44
N GLY C 46 -11.13 -1.38 -20.89
CA GLY C 46 -10.11 -0.35 -20.86
C GLY C 46 -9.02 -0.57 -19.82
N SER C 47 -9.27 -1.49 -18.89
CA SER C 47 -8.38 -1.67 -17.74
C SER C 47 -7.68 -3.02 -17.77
N SER C 48 -6.35 -3.01 -17.72
CA SER C 48 -5.59 -4.25 -17.69
C SER C 48 -5.88 -5.02 -16.41
N GLY C 49 -5.96 -4.31 -15.30
CA GLY C 49 -6.28 -4.90 -14.01
C GLY C 49 -7.65 -5.56 -13.93
N ARG C 50 -8.68 -4.89 -14.43
CA ARG C 50 -10.04 -5.44 -14.41
CA ARG C 50 -10.02 -5.46 -14.37
C ARG C 50 -10.15 -6.70 -15.24
N ILE C 51 -9.60 -6.66 -16.44
CA ILE C 51 -9.72 -7.81 -17.34
C ILE C 51 -8.85 -8.97 -16.84
N HIS C 52 -7.77 -8.65 -16.14
CA HIS C 52 -6.94 -9.69 -15.54
C HIS C 52 -7.72 -10.38 -14.43
N ASN C 53 -8.37 -9.59 -13.58
CA ASN C 53 -9.17 -10.14 -12.49
C ASN C 53 -10.35 -10.97 -13.00
N PHE C 54 -10.93 -10.55 -14.12
CA PHE C 54 -12.01 -11.31 -14.73
C PHE C 54 -11.48 -12.64 -15.27
N ALA C 55 -10.30 -12.61 -15.87
CA ALA C 55 -9.65 -13.82 -16.37
C ALA C 55 -9.38 -14.78 -15.22
N ILE C 56 -8.84 -14.26 -14.12
CA ILE C 56 -8.62 -15.04 -12.90
C ILE C 56 -9.92 -15.65 -12.44
N SER C 57 -10.97 -14.83 -12.43
CA SER C 57 -12.30 -15.25 -12.02
C SER C 57 -12.80 -16.42 -12.86
N MET C 58 -12.57 -16.35 -14.17
CA MET C 58 -13.03 -17.40 -15.07
C MET C 58 -12.23 -18.69 -14.89
N ALA C 59 -10.95 -18.54 -14.58
CA ALA C 59 -10.09 -19.70 -14.35
C ALA C 59 -10.50 -20.44 -13.09
N LYS C 60 -10.84 -19.70 -12.04
CA LYS C 60 -11.28 -20.29 -10.79
C LYS C 60 -12.60 -21.04 -10.97
N LEU C 61 -13.52 -20.43 -11.72
CA LEU C 61 -14.77 -21.09 -12.08
C LEU C 61 -14.47 -22.36 -12.87
N ALA C 62 -13.48 -22.28 -13.75
CA ALA C 62 -13.05 -23.41 -14.56
C ALA C 62 -12.25 -24.40 -13.71
N GLY C 63 -12.02 -24.05 -12.45
CA GLY C 63 -11.30 -24.91 -11.53
C GLY C 63 -9.86 -25.14 -11.93
N LEU C 64 -9.16 -24.05 -12.23
CA LEU C 64 -7.77 -24.15 -12.65
C LEU C 64 -6.84 -23.44 -11.67
N PRO C 67 -3.09 -19.07 -11.62
CA PRO C 67 -1.95 -18.43 -12.29
C PRO C 67 -2.16 -18.20 -13.78
N VAL C 68 -2.99 -17.20 -14.12
CA VAL C 68 -3.15 -16.80 -15.50
C VAL C 68 -2.04 -15.82 -15.88
N GLU C 69 -1.17 -16.25 -16.80
CA GLU C 69 0.01 -15.48 -17.14
C GLU C 69 -0.19 -14.62 -18.38
N ASN C 70 0.44 -13.45 -18.37
CA ASN C 70 0.41 -12.57 -19.53
C ASN C 70 1.19 -13.15 -20.71
N ILE C 71 0.53 -13.22 -21.87
CA ILE C 71 1.14 -13.72 -23.09
C ILE C 71 1.82 -12.58 -23.84
N ALA C 72 1.32 -11.37 -23.61
CA ALA C 72 1.91 -10.18 -24.19
C ALA C 72 3.29 -9.92 -23.60
N GLY C 73 4.09 -9.12 -24.30
CA GLY C 73 5.41 -8.77 -23.80
C GLY C 73 5.31 -7.86 -22.59
N SER C 74 6.35 -7.84 -21.77
CA SER C 74 6.40 -6.99 -20.59
C SER C 74 6.45 -5.51 -20.95
N HIS C 75 6.98 -5.22 -22.14
CA HIS C 75 7.11 -3.84 -22.59
C HIS C 75 5.93 -3.39 -23.45
N ALA C 76 4.95 -4.28 -23.60
CA ALA C 76 3.81 -4.00 -24.46
C ALA C 76 2.87 -2.97 -23.86
N ARG C 77 2.15 -2.27 -24.72
CA ARG C 77 1.12 -1.33 -24.26
C ARG C 77 -0.10 -2.09 -23.73
N PHE C 78 -0.35 -3.27 -24.30
CA PHE C 78 -1.53 -4.07 -23.97
C PHE C 78 -1.16 -5.40 -23.32
N VAL C 79 -2.06 -5.94 -22.50
CA VAL C 79 -1.88 -7.28 -21.93
C VAL C 79 -2.73 -8.29 -22.68
N LEU C 80 -2.38 -9.57 -22.57
CA LEU C 80 -3.14 -10.63 -23.22
C LEU C 80 -3.17 -11.90 -22.37
N TYR C 81 -4.36 -12.42 -22.12
CA TYR C 81 -4.50 -13.67 -21.36
C TYR C 81 -5.40 -14.65 -22.08
N LYS C 82 -5.24 -15.92 -21.74
CA LYS C 82 -6.09 -16.96 -22.28
C LYS C 82 -6.55 -17.91 -21.19
N VAL C 83 -7.85 -18.17 -21.15
CA VAL C 83 -8.41 -19.19 -20.27
C VAL C 83 -9.35 -20.06 -21.09
N ASP C 84 -8.93 -21.31 -21.32
CA ASP C 84 -9.62 -22.21 -22.21
C ASP C 84 -9.84 -21.55 -23.57
N HIS C 85 -11.08 -21.43 -24.01
CA HIS C 85 -11.36 -20.90 -25.34
C HIS C 85 -11.58 -19.39 -25.35
N ILE C 86 -11.15 -18.71 -24.29
CA ILE C 86 -11.32 -17.26 -24.20
C ILE C 86 -10.00 -16.50 -24.17
N LEU C 87 -9.88 -15.47 -25.01
CA LEU C 87 -8.78 -14.52 -24.94
C LEU C 87 -9.20 -13.29 -24.14
N PHE C 88 -8.25 -12.70 -23.42
CA PHE C 88 -8.52 -11.50 -22.62
C PHE C 88 -7.50 -10.41 -22.95
N ALA C 89 -7.97 -9.23 -23.34
CA ALA C 89 -7.05 -8.13 -23.65
C ALA C 89 -7.61 -6.81 -23.16
N ASP C 90 -6.74 -5.82 -22.97
CA ASP C 90 -7.23 -4.49 -22.68
C ASP C 90 -7.08 -3.63 -23.93
N HIS C 91 -7.68 -2.45 -23.92
CA HIS C 91 -7.67 -1.62 -25.12
C HIS C 91 -7.52 -0.13 -24.81
N GLY C 92 -7.20 0.20 -23.57
CA GLY C 92 -7.08 1.58 -23.14
C GLY C 92 -8.37 2.36 -23.32
N MET C 93 -8.25 3.67 -23.47
CA MET C 93 -9.42 4.53 -23.65
C MET C 93 -9.41 5.25 -25.00
N GLY C 94 -10.52 5.17 -25.72
CA GLY C 94 -10.67 5.88 -26.98
C GLY C 94 -10.72 4.98 -28.20
N ILE C 95 -11.54 5.37 -29.19
CA ILE C 95 -11.69 4.61 -30.44
C ILE C 95 -10.36 4.30 -31.15
N PRO C 96 -9.44 5.29 -31.27
CA PRO C 96 -8.17 4.91 -31.90
C PRO C 96 -7.36 3.89 -31.12
N SER C 97 -7.32 4.00 -29.80
CA SER C 97 -6.62 3.02 -28.98
C SER C 97 -7.25 1.64 -29.12
N ALA C 98 -8.58 1.61 -29.19
CA ALA C 98 -9.30 0.36 -29.41
C ALA C 98 -9.02 -0.23 -30.80
N LEU C 99 -8.95 0.64 -31.81
CA LEU C 99 -8.67 0.19 -33.17
C LEU C 99 -7.33 -0.52 -33.24
N ILE C 100 -6.37 -0.06 -32.46
CA ILE C 100 -5.06 -0.67 -32.38
C ILE C 100 -5.17 -2.11 -31.91
N MET C 101 -5.87 -2.31 -30.79
CA MET C 101 -6.09 -3.64 -30.26
C MET C 101 -6.85 -4.48 -31.27
N LEU C 102 -7.85 -3.88 -31.91
CA LEU C 102 -8.69 -4.59 -32.86
C LEU C 102 -7.91 -5.12 -34.07
N HIS C 103 -7.11 -4.26 -34.70
CA HIS C 103 -6.31 -4.67 -35.85
C HIS C 103 -5.33 -5.79 -35.48
N GLU C 104 -4.64 -5.60 -34.36
CA GLU C 104 -3.64 -6.53 -33.88
C GLU C 104 -4.23 -7.89 -33.55
N VAL C 105 -5.32 -7.89 -32.79
CA VAL C 105 -5.92 -9.14 -32.34
C VAL C 105 -6.60 -9.91 -33.48
N THR C 106 -7.33 -9.20 -34.35
CA THR C 106 -8.01 -9.88 -35.46
C THR C 106 -6.97 -10.47 -36.43
N LYS C 107 -5.81 -9.83 -36.51
CA LYS C 107 -4.70 -10.38 -37.30
C LYS C 107 -4.20 -11.67 -36.64
N LEU C 108 -4.17 -11.66 -35.30
CA LEU C 108 -3.77 -12.84 -34.54
C LEU C 108 -4.74 -13.99 -34.78
N LEU C 109 -6.03 -13.69 -34.75
CA LEU C 109 -7.07 -14.68 -34.95
C LEU C 109 -6.99 -15.26 -36.37
N HIS C 110 -6.70 -14.41 -37.34
CA HIS C 110 -6.55 -14.87 -38.72
C HIS C 110 -5.38 -15.84 -38.86
N TYR C 111 -4.24 -15.49 -38.25
CA TYR C 111 -3.04 -16.32 -38.32
C TYR C 111 -3.26 -17.66 -37.62
N ALA C 112 -4.11 -17.66 -36.61
CA ALA C 112 -4.39 -18.85 -35.82
C ALA C 112 -5.46 -19.73 -36.47
N GLY C 113 -6.03 -19.25 -37.58
CA GLY C 113 -7.08 -19.97 -38.25
C GLY C 113 -8.45 -19.77 -37.60
N CYS C 114 -8.52 -18.82 -36.67
CA CYS C 114 -9.76 -18.52 -35.96
C CYS C 114 -10.74 -17.77 -36.85
N LYS C 115 -11.95 -18.32 -36.97
CA LYS C 115 -12.99 -17.70 -37.78
C LYS C 115 -14.25 -17.46 -36.96
N ASP C 116 -14.94 -16.36 -37.25
CA ASP C 116 -16.22 -16.03 -36.62
C ASP C 116 -16.14 -15.96 -35.10
N VAL C 117 -15.19 -15.19 -34.58
CA VAL C 117 -14.99 -15.05 -33.14
C VAL C 117 -15.86 -13.93 -32.57
N LEU C 118 -16.38 -14.14 -31.37
CA LEU C 118 -17.18 -13.13 -30.67
C LEU C 118 -16.30 -12.24 -29.79
N PHE C 119 -16.22 -10.97 -30.14
CA PHE C 119 -15.59 -9.97 -29.29
C PHE C 119 -16.60 -9.44 -28.28
N ILE C 120 -16.19 -9.39 -27.02
CA ILE C 120 -17.06 -8.91 -25.95
C ILE C 120 -16.39 -7.80 -25.16
N ARG C 121 -16.89 -6.57 -25.33
CA ARG C 121 -16.38 -5.45 -24.56
C ARG C 121 -17.12 -5.36 -23.21
N LEU C 122 -16.37 -5.50 -22.13
CA LEU C 122 -16.91 -5.40 -20.78
C LEU C 122 -16.56 -4.04 -20.17
N GLY C 123 -17.31 -3.01 -20.53
CA GLY C 123 -16.88 -1.66 -20.22
C GLY C 123 -17.65 -0.91 -19.15
N THR C 124 -17.27 0.35 -18.97
CA THR C 124 -18.03 1.28 -18.13
C THR C 124 -18.47 2.43 -19.01
N SER C 125 -19.49 3.15 -18.55
CA SER C 125 -20.11 4.19 -19.35
C SER C 125 -20.95 5.08 -18.47
N GLY C 126 -21.43 6.17 -19.08
CA GLY C 126 -22.43 7.02 -18.46
C GLY C 126 -23.76 6.66 -19.10
N GLY C 127 -24.82 6.64 -18.29
CA GLY C 127 -26.11 6.22 -18.79
C GLY C 127 -27.15 7.32 -18.80
N LEU C 128 -28.34 7.00 -19.31
CA LEU C 128 -29.40 7.99 -19.51
C LEU C 128 -30.74 7.51 -18.97
N GLY C 129 -31.19 8.11 -17.88
CA GLY C 129 -32.46 7.75 -17.28
C GLY C 129 -32.43 6.36 -16.67
N VAL C 130 -31.24 5.87 -16.39
CA VAL C 130 -31.09 4.59 -15.72
C VAL C 130 -30.27 4.77 -14.45
N LYS C 131 -30.59 3.97 -13.44
CA LYS C 131 -29.89 3.97 -12.16
C LYS C 131 -28.42 3.61 -12.33
N PRO C 132 -27.53 4.30 -11.60
CA PRO C 132 -26.10 3.94 -11.61
C PRO C 132 -25.91 2.48 -11.20
N GLY C 133 -25.07 1.77 -11.96
CA GLY C 133 -24.83 0.36 -11.69
C GLY C 133 -25.67 -0.57 -12.57
N THR C 134 -26.34 -0.01 -13.57
CA THR C 134 -27.13 -0.80 -14.50
C THR C 134 -26.30 -1.26 -15.69
N ILE C 135 -26.53 -2.50 -16.13
CA ILE C 135 -25.86 -3.02 -17.32
C ILE C 135 -26.63 -2.65 -18.59
N VAL C 136 -25.93 -2.08 -19.56
CA VAL C 136 -26.55 -1.79 -20.86
C VAL C 136 -25.97 -2.70 -21.94
N LEU C 137 -26.84 -3.47 -22.58
CA LEU C 137 -26.46 -4.29 -23.73
C LEU C 137 -26.73 -3.48 -25.00
N SER C 138 -25.67 -3.08 -25.69
CA SER C 138 -25.81 -2.27 -26.90
C SER C 138 -26.56 -3.03 -28.00
N ASP C 139 -27.65 -2.46 -28.50
CA ASP C 139 -28.26 -3.01 -29.70
C ASP C 139 -27.90 -2.13 -30.89
N ARG C 140 -27.16 -1.07 -30.61
CA ARG C 140 -26.60 -0.22 -31.65
C ARG C 140 -25.40 0.56 -31.10
N CYS C 141 -24.45 0.84 -31.97
CA CYS C 141 -23.33 1.68 -31.59
C CYS C 141 -23.25 2.88 -32.52
N VAL C 142 -23.75 4.01 -32.03
CA VAL C 142 -23.78 5.24 -32.81
C VAL C 142 -22.73 6.21 -32.27
N ASN C 143 -22.34 7.18 -33.10
CA ASN C 143 -21.39 8.18 -32.66
C ASN C 143 -22.09 9.44 -32.17
N THR C 144 -21.40 10.57 -32.24
CA THR C 144 -21.91 11.80 -31.65
C THR C 144 -23.13 12.36 -32.38
N LYS C 145 -23.33 11.97 -33.63
CA LYS C 145 -24.46 12.45 -34.40
C LYS C 145 -25.58 11.40 -34.50
N LEU C 146 -25.60 10.47 -33.54
CA LEU C 146 -26.62 9.44 -33.44
C LEU C 146 -26.73 8.56 -34.69
N GLU C 147 -25.59 8.31 -35.32
CA GLU C 147 -25.54 7.56 -36.57
C GLU C 147 -24.92 6.17 -36.34
N PRO C 148 -25.57 5.11 -36.85
CA PRO C 148 -25.10 3.75 -36.60
C PRO C 148 -23.90 3.39 -37.47
N TYR C 149 -22.84 4.19 -37.38
CA TYR C 149 -21.66 3.97 -38.19
C TYR C 149 -20.40 4.46 -37.48
N ASN C 150 -19.25 3.93 -37.89
CA ASN C 150 -17.96 4.44 -37.42
C ASN C 150 -17.25 5.20 -38.53
N GLU C 151 -16.88 6.44 -38.26
CA GLU C 151 -16.23 7.27 -39.27
C GLU C 151 -14.71 7.14 -39.20
N LEU C 152 -14.05 7.34 -40.34
CA LEU C 152 -12.60 7.20 -40.42
C LEU C 152 -12.04 8.00 -41.59
N CYS C 153 -10.76 8.34 -41.52
CA CYS C 153 -10.12 9.13 -42.55
C CYS C 153 -9.00 8.35 -43.22
N ILE C 154 -9.35 7.62 -44.28
CA ILE C 154 -8.41 6.73 -44.96
C ILE C 154 -7.84 7.37 -46.23
N LEU C 155 -6.53 7.64 -46.19
CA LEU C 155 -5.82 8.30 -47.28
C LEU C 155 -6.42 9.66 -47.58
N GLY C 156 -6.71 10.42 -46.53
CA GLY C 156 -7.23 11.76 -46.66
C GLY C 156 -8.71 11.84 -47.02
N LYS C 157 -9.30 10.69 -47.32
CA LYS C 157 -10.69 10.65 -47.78
C LYS C 157 -11.61 10.03 -46.73
N PRO C 158 -12.82 10.61 -46.59
CA PRO C 158 -13.82 10.17 -45.60
C PRO C 158 -14.40 8.78 -45.87
N VAL C 159 -14.42 7.96 -44.83
CA VAL C 159 -14.93 6.60 -44.90
C VAL C 159 -15.86 6.32 -43.72
N ARG C 160 -16.98 5.63 -43.99
CA ARG C 160 -17.93 5.27 -42.94
C ARG C 160 -18.25 3.78 -42.97
N ARG C 161 -18.43 3.18 -41.79
CA ARG C 161 -18.68 1.75 -41.67
C ARG C 161 -19.81 1.45 -40.68
N GLN C 162 -20.82 0.72 -41.15
CA GLN C 162 -22.00 0.42 -40.32
C GLN C 162 -21.64 -0.42 -39.10
N THR C 163 -22.45 -0.28 -38.06
CA THR C 163 -22.22 -1.02 -36.81
C THR C 163 -23.21 -2.15 -36.63
N ILE C 164 -22.69 -3.37 -36.64
CA ILE C 164 -23.52 -4.55 -36.43
C ILE C 164 -23.25 -5.12 -35.05
N VAL C 165 -24.28 -5.11 -34.22
CA VAL C 165 -24.23 -5.79 -32.95
C VAL C 165 -24.79 -7.20 -33.12
N ASP C 166 -24.09 -8.19 -32.59
CA ASP C 166 -24.61 -9.55 -32.59
C ASP C 166 -25.90 -9.58 -31.79
N LEU C 167 -26.99 -9.19 -32.44
CA LEU C 167 -28.27 -9.03 -31.78
C LEU C 167 -28.76 -10.32 -31.15
N ASN C 168 -28.43 -11.45 -31.77
CA ASN C 168 -28.81 -12.75 -31.26
C ASN C 168 -28.10 -13.03 -29.93
N THR C 169 -26.82 -12.69 -29.87
CA THR C 169 -26.05 -12.81 -28.64
C THR C 169 -26.59 -11.87 -27.57
N VAL C 170 -26.90 -10.64 -27.96
CA VAL C 170 -27.48 -9.66 -27.03
C VAL C 170 -28.81 -10.18 -26.50
N ASN C 171 -29.59 -10.79 -27.38
CA ASN C 171 -30.87 -11.37 -27.00
C ASN C 171 -30.68 -12.51 -26.00
N GLU C 172 -29.67 -13.35 -26.26
CA GLU C 172 -29.31 -14.45 -25.36
C GLU C 172 -28.95 -13.92 -23.98
N LEU C 173 -28.06 -12.92 -23.94
CA LEU C 173 -27.65 -12.31 -22.68
C LEU C 173 -28.84 -11.69 -21.96
N LYS C 174 -29.70 -11.01 -22.70
CA LYS C 174 -30.88 -10.40 -22.11
C LYS C 174 -31.75 -11.48 -21.48
N LYS C 175 -31.92 -12.59 -22.18
CA LYS C 175 -32.70 -13.71 -21.68
C LYS C 175 -32.03 -14.34 -20.46
N LEU C 176 -30.72 -14.52 -20.54
CA LEU C 176 -29.95 -15.12 -19.45
C LEU C 176 -30.03 -14.29 -18.17
N SER C 177 -30.00 -12.96 -18.31
CA SER C 177 -30.04 -12.08 -17.16
C SER C 177 -31.36 -12.24 -16.40
N GLU C 178 -32.42 -12.53 -17.14
CA GLU C 178 -33.73 -12.77 -16.54
C GLU C 178 -33.73 -14.00 -15.63
N ASN C 179 -32.88 -14.97 -15.97
CA ASN C 179 -32.69 -16.14 -15.11
C ASN C 179 -31.94 -15.77 -13.84
N LEU C 180 -30.85 -15.03 -14.00
CA LEU C 180 -29.97 -14.69 -12.89
C LEU C 180 -30.59 -13.67 -11.95
N SER C 181 -30.21 -13.75 -10.67
CA SER C 181 -30.65 -12.80 -9.67
C SER C 181 -29.56 -11.77 -9.39
N LEU C 182 -29.29 -10.93 -10.37
CA LEU C 182 -28.29 -9.89 -10.22
C LEU C 182 -28.81 -8.76 -9.34
N GLU C 183 -27.90 -8.08 -8.64
CA GLU C 183 -28.28 -6.99 -7.75
C GLU C 183 -28.40 -5.69 -8.53
N CYS C 184 -28.94 -5.77 -9.73
CA CYS C 184 -29.03 -4.62 -10.63
C CYS C 184 -29.98 -4.90 -11.79
N SER C 185 -30.19 -3.91 -12.65
CA SER C 185 -31.07 -4.07 -13.81
C SER C 185 -30.28 -4.21 -15.10
N VAL C 186 -30.87 -4.90 -16.08
CA VAL C 186 -30.22 -5.08 -17.39
C VAL C 186 -31.11 -4.52 -18.51
N VAL C 187 -30.56 -3.61 -19.29
CA VAL C 187 -31.32 -2.90 -20.32
C VAL C 187 -30.67 -2.99 -21.70
N VAL C 188 -31.49 -3.16 -22.73
CA VAL C 188 -31.01 -3.16 -24.12
C VAL C 188 -31.26 -1.80 -24.77
N GLY C 189 -30.20 -1.16 -25.24
CA GLY C 189 -30.33 0.16 -25.83
C GLY C 189 -29.16 0.58 -26.70
N GLY C 190 -29.29 1.75 -27.34
CA GLY C 190 -28.24 2.27 -28.18
C GLY C 190 -27.08 2.81 -27.37
N THR C 191 -25.91 2.91 -27.99
CA THR C 191 -24.71 3.36 -27.30
C THR C 191 -23.91 4.37 -28.10
N ILE C 192 -23.67 5.53 -27.50
CA ILE C 192 -22.88 6.58 -28.13
C ILE C 192 -21.40 6.41 -27.83
N ALA C 193 -20.56 6.46 -28.87
CA ALA C 193 -19.12 6.45 -28.69
C ALA C 193 -18.56 7.83 -29.00
N ALA C 194 -17.81 8.40 -28.05
CA ALA C 194 -17.28 9.75 -28.22
C ALA C 194 -15.76 9.77 -28.19
N ASN C 195 -15.18 10.78 -28.84
CA ASN C 195 -13.73 10.93 -28.87
C ASN C 195 -13.20 11.79 -27.73
N ASP C 196 -13.95 11.84 -26.64
CA ASP C 196 -13.60 12.64 -25.47
C ASP C 196 -14.50 12.25 -24.29
N PHE C 197 -13.99 12.40 -23.08
CA PHE C 197 -14.79 12.09 -21.89
C PHE C 197 -15.66 13.28 -21.50
N TYR C 198 -15.21 14.49 -21.83
CA TYR C 198 -15.89 15.69 -21.35
C TYR C 198 -16.74 16.39 -22.42
N GLU C 199 -16.12 17.23 -23.23
CA GLU C 199 -16.86 18.11 -24.13
C GLU C 199 -17.77 17.38 -25.11
N GLU C 200 -17.32 16.24 -25.64
CA GLU C 200 -18.11 15.51 -26.63
C GLU C 200 -19.28 14.74 -26.03
N GLN C 201 -19.23 14.51 -24.72
CA GLN C 201 -20.30 13.80 -24.04
C GLN C 201 -21.24 14.77 -23.34
N GLY C 202 -21.03 16.06 -23.58
CA GLY C 202 -21.89 17.09 -23.03
C GLY C 202 -21.69 17.34 -21.55
N ARG C 203 -20.47 17.08 -21.05
CA ARG C 203 -20.17 17.36 -19.66
C ARG C 203 -19.94 18.85 -19.42
N LEU C 204 -20.45 19.36 -18.31
CA LEU C 204 -20.30 20.76 -17.97
C LEU C 204 -19.02 21.02 -17.19
N ASP C 205 -18.33 19.94 -16.83
CA ASP C 205 -17.25 20.04 -15.85
C ASP C 205 -15.85 19.75 -16.40
N GLY C 206 -15.65 20.00 -17.69
CA GLY C 206 -14.32 19.92 -18.27
C GLY C 206 -13.55 21.21 -18.06
N SER C 207 -12.32 21.26 -18.54
CA SER C 207 -11.48 22.45 -18.45
C SER C 207 -11.97 23.51 -19.42
N ILE C 208 -12.71 23.05 -20.43
CA ILE C 208 -13.33 23.91 -21.42
C ILE C 208 -14.79 23.51 -21.59
N CYS C 209 -15.69 24.48 -21.64
CA CYS C 209 -17.09 24.20 -21.93
C CYS C 209 -17.74 25.34 -22.71
N THR C 210 -18.61 24.96 -23.64
CA THR C 210 -19.19 25.87 -24.62
C THR C 210 -20.68 26.09 -24.40
N PHE C 211 -21.33 25.11 -23.80
CA PHE C 211 -22.79 25.04 -23.78
C PHE C 211 -23.37 25.23 -22.39
N SER C 212 -24.71 25.24 -22.31
CA SER C 212 -25.41 25.41 -21.05
C SER C 212 -26.04 24.09 -20.59
N LYS C 213 -26.64 24.11 -19.40
CA LYS C 213 -27.29 22.93 -18.84
C LYS C 213 -28.50 22.53 -19.69
N GLU C 214 -29.25 23.53 -20.14
CA GLU C 214 -30.40 23.30 -21.02
C GLU C 214 -29.97 22.70 -22.35
N GLU C 215 -28.81 23.13 -22.83
CA GLU C 215 -28.24 22.62 -24.07
C GLU C 215 -27.75 21.19 -23.87
N LYS C 216 -27.01 20.96 -22.79
CA LYS C 216 -26.52 19.63 -22.46
C LYS C 216 -27.67 18.65 -22.41
N LEU C 217 -28.71 19.02 -21.67
CA LEU C 217 -29.89 18.17 -21.53
C LEU C 217 -30.52 17.95 -22.89
N ALA C 218 -30.51 18.97 -23.73
CA ALA C 218 -31.02 18.83 -25.10
C ALA C 218 -30.24 17.77 -25.88
N PHE C 219 -28.91 17.86 -25.83
CA PHE C 219 -28.04 16.91 -26.51
C PHE C 219 -28.25 15.48 -26.00
N LEU C 220 -28.58 15.36 -24.71
CA LEU C 220 -28.81 14.05 -24.10
C LEU C 220 -30.28 13.63 -24.17
N GLN C 221 -31.18 14.60 -24.07
CA GLN C 221 -32.60 14.31 -24.27
C GLN C 221 -32.93 14.22 -25.76
N SER C 222 -31.94 14.44 -26.62
CA SER C 222 -32.10 14.14 -28.05
C SER C 222 -31.55 12.76 -28.39
N ALA C 223 -30.60 12.29 -27.58
CA ALA C 223 -30.01 10.97 -27.76
C ALA C 223 -30.93 9.88 -27.21
N TYR C 224 -31.40 10.08 -25.98
CA TYR C 224 -32.33 9.18 -25.30
C TYR C 224 -33.60 8.93 -26.13
N GLU C 225 -34.17 10.00 -26.68
CA GLU C 225 -35.37 9.93 -27.51
C GLU C 225 -35.15 9.06 -28.74
N HIS C 226 -33.90 9.00 -29.21
CA HIS C 226 -33.54 8.09 -30.29
C HIS C 226 -33.13 6.74 -29.72
N GLY C 227 -33.55 6.46 -28.48
CA GLY C 227 -33.36 5.17 -27.86
C GLY C 227 -32.10 4.99 -27.02
N ILE C 228 -31.08 5.80 -27.30
CA ILE C 228 -29.76 5.66 -26.69
C ILE C 228 -29.82 5.66 -25.16
N ARG C 229 -29.14 4.72 -24.52
CA ARG C 229 -29.23 4.55 -23.07
C ARG C 229 -27.89 4.62 -22.34
N ASN C 230 -26.78 4.66 -23.08
CA ASN C 230 -25.48 4.88 -22.45
C ASN C 230 -24.45 5.44 -23.41
N MET C 231 -23.32 5.89 -22.87
CA MET C 231 -22.29 6.51 -23.68
C MET C 231 -20.90 6.13 -23.19
N GLU C 232 -20.05 5.69 -24.13
CA GLU C 232 -18.67 5.35 -23.82
C GLU C 232 -17.77 5.83 -24.96
N MET C 233 -16.62 5.18 -25.16
CA MET C 233 -15.60 5.75 -26.04
C MET C 233 -14.95 4.77 -27.02
N GLU C 234 -15.51 3.57 -27.17
CA GLU C 234 -14.92 2.56 -28.05
C GLU C 234 -15.93 1.77 -28.88
N GLY C 235 -17.20 1.89 -28.56
CA GLY C 235 -18.23 1.00 -29.09
C GLY C 235 -18.41 0.94 -30.59
N THR C 236 -18.40 2.10 -31.23
CA THR C 236 -18.59 2.16 -32.67
C THR C 236 -17.45 1.48 -33.41
N ALA C 237 -16.23 1.63 -32.88
CA ALA C 237 -15.05 1.03 -33.49
C ALA C 237 -15.11 -0.49 -33.48
N ILE C 238 -15.43 -1.05 -32.32
CA ILE C 238 -15.44 -2.50 -32.15
C ILE C 238 -16.52 -3.17 -33.02
N THR C 239 -17.73 -2.62 -32.98
CA THR C 239 -18.85 -3.22 -33.71
C THR C 239 -18.78 -2.92 -35.21
N SER C 240 -17.85 -2.07 -35.62
CA SER C 240 -17.65 -1.78 -37.04
C SER C 240 -16.53 -2.65 -37.59
N HIS C 241 -15.42 -2.71 -36.86
CA HIS C 241 -14.24 -3.43 -37.28
C HIS C 241 -14.46 -4.93 -37.36
N CYS C 242 -15.15 -5.49 -36.36
CA CYS C 242 -15.33 -6.94 -36.28
C CYS C 242 -16.16 -7.50 -37.44
N TYR C 243 -17.16 -6.75 -37.89
CA TYR C 243 -18.02 -7.21 -38.97
C TYR C 243 -17.26 -7.31 -40.30
N LEU C 244 -16.35 -6.37 -40.51
CA LEU C 244 -15.58 -6.31 -41.75
C LEU C 244 -14.41 -7.30 -41.74
N THR C 245 -14.28 -8.06 -40.66
CA THR C 245 -13.24 -9.09 -40.57
C THR C 245 -13.88 -10.43 -40.25
N GLY C 246 -15.19 -10.53 -40.50
CA GLY C 246 -15.91 -11.79 -40.37
C GLY C 246 -16.10 -12.26 -38.94
N HIS C 247 -16.00 -11.32 -37.99
CA HIS C 247 -16.21 -11.65 -36.58
C HIS C 247 -17.44 -10.94 -36.03
N ARG C 248 -17.81 -11.29 -34.81
CA ARG C 248 -18.97 -10.70 -34.16
C ARG C 248 -18.54 -9.86 -32.96
N ALA C 249 -19.28 -8.79 -32.70
CA ALA C 249 -18.95 -7.92 -31.58
C ALA C 249 -20.19 -7.49 -30.82
N ILE C 250 -20.06 -7.46 -29.49
CA ILE C 250 -21.11 -6.95 -28.63
C ILE C 250 -20.52 -6.03 -27.56
N LEU C 251 -21.36 -5.19 -26.99
CA LEU C 251 -20.95 -4.36 -25.86
C LEU C 251 -21.80 -4.67 -24.64
N VAL C 252 -21.13 -4.93 -23.52
CA VAL C 252 -21.77 -5.12 -22.24
C VAL C 252 -21.15 -4.15 -21.24
N CYS C 253 -21.74 -2.96 -21.12
CA CYS C 253 -21.20 -1.92 -20.27
C CYS C 253 -22.11 -1.60 -19.09
N VAL C 254 -21.49 -1.34 -17.95
CA VAL C 254 -22.21 -0.87 -16.77
C VAL C 254 -22.21 0.67 -16.79
N THR C 255 -23.17 1.27 -16.11
CA THR C 255 -23.23 2.73 -16.00
C THR C 255 -22.70 3.18 -14.64
N ALA C 256 -22.02 4.33 -14.59
CA ALA C 256 -21.41 4.82 -13.36
C ALA C 256 -22.07 6.10 -12.86
N VAL C 257 -23.00 6.63 -13.65
CA VAL C 257 -23.64 7.90 -13.37
C VAL C 257 -24.86 8.06 -14.28
N ASN C 258 -25.91 8.69 -13.76
CA ASN C 258 -27.03 9.09 -14.58
C ASN C 258 -26.74 10.46 -15.16
N ARG C 259 -26.40 10.50 -16.45
CA ARG C 259 -25.95 11.73 -17.09
C ARG C 259 -27.04 12.80 -17.15
N LEU C 260 -28.29 12.37 -17.01
CA LEU C 260 -29.42 13.31 -17.01
C LEU C 260 -29.51 14.03 -15.67
N GLU C 261 -28.79 13.53 -14.68
CA GLU C 261 -28.81 14.09 -13.34
C GLU C 261 -27.53 14.85 -13.03
N GLY C 262 -26.43 14.45 -13.67
CA GLY C 262 -25.15 15.12 -13.44
C GLY C 262 -24.01 14.58 -14.30
N ASP C 263 -22.81 15.10 -14.05
CA ASP C 263 -21.63 14.73 -14.82
C ASP C 263 -20.58 14.04 -13.95
N GLN C 264 -20.41 14.53 -12.73
CA GLN C 264 -19.40 14.01 -11.82
C GLN C 264 -19.63 12.54 -11.47
N ILE C 265 -18.55 11.75 -11.48
CA ILE C 265 -18.61 10.39 -10.96
C ILE C 265 -18.45 10.49 -9.45
N THR C 266 -19.58 10.52 -8.74
CA THR C 266 -19.56 10.77 -7.30
C THR C 266 -19.54 9.48 -6.47
N ILE C 267 -19.83 8.34 -7.11
CA ILE C 267 -19.78 7.08 -6.39
C ILE C 267 -18.34 6.79 -5.95
N SER C 268 -18.20 6.04 -4.87
CA SER C 268 -16.88 5.75 -4.32
C SER C 268 -16.09 4.85 -5.25
N THR C 269 -14.78 4.79 -5.03
CA THR C 269 -13.93 3.89 -5.80
C THR C 269 -14.34 2.44 -5.53
N ASP C 270 -14.68 2.13 -4.28
CA ASP C 270 -15.12 0.79 -3.92
C ASP C 270 -16.40 0.42 -4.64
N GLU C 271 -17.32 1.37 -4.76
CA GLU C 271 -18.59 1.13 -5.44
C GLU C 271 -18.42 1.08 -6.96
N PHE C 272 -17.50 1.89 -7.48
CA PHE C 272 -17.21 1.86 -8.90
C PHE C 272 -16.66 0.49 -9.30
N THR C 273 -15.71 -0.01 -8.51
CA THR C 273 -15.15 -1.33 -8.74
C THR C 273 -16.23 -2.41 -8.72
N LEU C 274 -17.12 -2.31 -7.73
CA LEU C 274 -18.26 -3.24 -7.65
C LEU C 274 -19.09 -3.21 -8.92
N PHE C 275 -19.50 -2.02 -9.33
CA PHE C 275 -20.30 -1.83 -10.54
C PHE C 275 -19.59 -2.38 -11.79
N ALA C 276 -18.30 -2.10 -11.90
CA ALA C 276 -17.53 -2.47 -13.07
C ALA C 276 -17.41 -3.98 -13.23
N GLN C 277 -17.63 -4.71 -12.15
CA GLN C 277 -17.55 -6.17 -12.20
C GLN C 277 -18.86 -6.80 -12.62
N ARG C 278 -19.92 -6.02 -12.66
CA ARG C 278 -21.24 -6.54 -13.01
C ARG C 278 -21.37 -7.08 -14.46
N PRO C 279 -20.76 -6.39 -15.45
CA PRO C 279 -20.79 -7.00 -16.78
C PRO C 279 -20.17 -8.39 -16.81
N GLY C 280 -19.09 -8.58 -16.06
CA GLY C 280 -18.42 -9.88 -15.97
C GLY C 280 -19.25 -10.96 -15.31
N GLN C 281 -20.12 -10.58 -14.39
CA GLN C 281 -20.99 -11.55 -13.72
C GLN C 281 -21.99 -12.14 -14.71
N LEU C 282 -22.52 -11.30 -15.60
CA LEU C 282 -23.45 -11.77 -16.62
C LEU C 282 -22.73 -12.56 -17.70
N VAL C 283 -21.66 -11.99 -18.24
CA VAL C 283 -20.94 -12.59 -19.35
C VAL C 283 -20.21 -13.86 -18.92
N GLY C 284 -19.72 -13.86 -17.69
CA GLY C 284 -19.01 -15.01 -17.13
C GLY C 284 -19.88 -16.24 -17.07
N GLU C 285 -21.13 -16.08 -16.64
CA GLU C 285 -22.07 -17.19 -16.60
C GLU C 285 -22.37 -17.64 -18.03
N TYR C 286 -22.51 -16.68 -18.93
CA TYR C 286 -22.72 -16.98 -20.34
C TYR C 286 -21.58 -17.80 -20.92
N LEU C 287 -20.34 -17.41 -20.61
CA LEU C 287 -19.18 -18.13 -21.10
C LEU C 287 -19.14 -19.55 -20.53
N LYS C 288 -19.50 -19.67 -19.25
CA LYS C 288 -19.56 -20.96 -18.59
C LYS C 288 -20.58 -21.90 -19.23
N ARG C 289 -21.71 -21.32 -19.64
CA ARG C 289 -22.80 -22.11 -20.23
C ARG C 289 -22.54 -22.45 -21.70
N ASN C 290 -21.79 -21.61 -22.40
CA ASN C 290 -21.64 -21.76 -23.85
C ASN C 290 -20.23 -22.11 -24.33
N ASN C 291 -19.50 -22.86 -23.50
CA ASN C 291 -18.22 -23.45 -23.85
C ASN C 291 -17.10 -22.42 -24.09
N GLY C 292 -17.15 -21.33 -23.34
CA GLY C 292 -16.03 -20.39 -23.30
C GLY C 292 -14.95 -21.03 -22.46
N ILE C 293 -15.38 -21.62 -21.35
CA ILE C 293 -14.53 -22.46 -20.54
C ILE C 293 -15.05 -23.89 -20.63
N ILE C 294 -14.13 -24.85 -20.70
CA ILE C 294 -14.53 -26.25 -20.67
C ILE C 294 -14.94 -26.59 -19.25
N VAL C 295 -16.16 -27.11 -19.11
CA VAL C 295 -16.71 -27.42 -17.80
C VAL C 295 -16.38 -28.85 -17.38
N VAL D 8 -12.66 30.98 -19.28
CA VAL D 8 -12.70 29.86 -18.35
C VAL D 8 -14.10 29.25 -18.27
N ASN D 9 -14.20 28.09 -17.63
CA ASN D 9 -15.47 27.37 -17.56
C ASN D 9 -16.27 27.68 -16.29
N SER D 10 -17.26 28.57 -16.42
CA SER D 10 -18.04 29.07 -15.29
C SER D 10 -18.78 27.96 -14.53
N HIS D 11 -19.09 26.86 -15.21
CA HIS D 11 -19.85 25.78 -14.60
C HIS D 11 -19.12 25.14 -13.43
N LEU D 12 -17.80 25.31 -13.38
CA LEU D 12 -16.99 24.70 -12.34
C LEU D 12 -17.33 25.28 -10.96
N SER D 13 -17.83 26.52 -10.95
CA SER D 13 -18.24 27.17 -9.71
C SER D 13 -19.43 26.46 -9.04
N GLU D 14 -20.17 25.68 -9.82
CA GLU D 14 -21.34 24.98 -9.29
C GLU D 14 -20.95 23.83 -8.36
N LEU D 15 -19.75 23.29 -8.56
CA LEU D 15 -19.26 22.20 -7.73
C LEU D 15 -18.86 22.66 -6.33
N ASP D 16 -19.14 21.84 -5.33
CA ASP D 16 -18.60 22.06 -3.99
C ASP D 16 -17.25 21.36 -3.92
N GLU D 17 -17.10 20.37 -4.79
CA GLU D 17 -15.91 19.53 -4.87
C GLU D 17 -15.81 18.99 -6.30
N ASP D 18 -14.61 18.98 -6.85
CA ASP D 18 -14.41 18.42 -8.19
C ASP D 18 -13.69 17.09 -8.10
N VAL D 19 -14.32 16.03 -8.62
CA VAL D 19 -13.74 14.69 -8.68
C VAL D 19 -12.96 14.50 -9.98
N PHE D 20 -11.63 14.40 -9.86
CA PHE D 20 -10.78 14.10 -11.01
C PHE D 20 -10.79 12.61 -11.26
N HIS D 21 -11.82 12.15 -11.97
CA HIS D 21 -12.14 10.72 -12.03
C HIS D 21 -10.98 9.85 -12.50
N HIS D 22 -10.24 10.32 -13.51
CA HIS D 22 -9.23 9.47 -14.13
C HIS D 22 -7.88 9.53 -13.41
N PHE D 23 -7.77 10.44 -12.44
CA PHE D 23 -6.60 10.51 -11.59
C PHE D 23 -6.89 10.04 -10.17
N GLY D 24 -8.15 9.67 -9.91
CA GLY D 24 -8.53 9.09 -8.63
C GLY D 24 -8.32 9.95 -7.40
N PHE D 25 -8.50 11.27 -7.53
CA PHE D 25 -8.57 12.14 -6.35
C PHE D 25 -9.53 13.31 -6.59
N THR D 26 -9.72 14.13 -5.57
CA THR D 26 -10.66 15.25 -5.65
C THR D 26 -10.02 16.52 -5.10
N THR D 27 -10.75 17.64 -5.20
CA THR D 27 -10.25 18.91 -4.66
C THR D 27 -10.17 18.92 -3.13
N LYS D 28 -10.73 17.91 -2.49
CA LYS D 28 -10.65 17.79 -1.04
C LYS D 28 -9.49 16.88 -0.61
N SER D 29 -8.90 16.17 -1.56
CA SER D 29 -7.79 15.27 -1.28
C SER D 29 -6.55 16.01 -0.76
N PHE D 30 -6.33 17.22 -1.25
CA PHE D 30 -5.24 18.08 -0.75
C PHE D 30 -5.46 19.54 -1.13
N ASP D 31 -4.71 20.43 -0.49
CA ASP D 31 -4.72 21.86 -0.83
C ASP D 31 -4.00 22.03 -2.17
N PHE D 32 -4.77 22.35 -3.21
CA PHE D 32 -4.24 22.40 -4.57
C PHE D 32 -3.20 23.50 -4.76
N LYS D 33 -3.43 24.65 -4.13
CA LYS D 33 -2.48 25.75 -4.20
C LYS D 33 -1.18 25.42 -3.49
N GLU D 34 -1.28 24.79 -2.33
CA GLU D 34 -0.10 24.44 -1.55
C GLU D 34 0.72 23.35 -2.23
N LYS D 35 0.03 22.39 -2.85
CA LYS D 35 0.70 21.23 -3.41
C LYS D 35 1.16 21.43 -4.85
N PHE D 36 0.33 22.07 -5.67
CA PHE D 36 0.63 22.18 -7.09
C PHE D 36 0.98 23.58 -7.55
N GLY D 37 0.85 24.55 -6.65
CA GLY D 37 1.00 25.95 -7.00
C GLY D 37 2.31 26.33 -7.65
N ASP D 38 3.39 25.63 -7.28
CA ASP D 38 4.73 25.98 -7.74
C ASP D 38 5.08 25.31 -9.06
N VAL D 39 4.11 24.65 -9.67
CA VAL D 39 4.36 23.90 -10.91
C VAL D 39 4.45 24.84 -12.12
N LYS D 40 5.49 24.64 -12.92
CA LYS D 40 5.72 25.43 -14.12
C LYS D 40 5.97 24.54 -15.33
N PHE D 41 6.10 23.24 -15.09
CA PHE D 41 6.37 22.28 -16.16
C PHE D 41 5.55 21.01 -15.96
N VAL D 42 5.04 20.44 -17.06
CA VAL D 42 4.39 19.13 -17.02
C VAL D 42 4.84 18.25 -18.21
N CYS D 43 5.52 17.15 -17.92
CA CYS D 43 5.99 16.25 -18.98
C CYS D 43 5.07 15.05 -19.13
N VAL D 44 4.64 14.77 -20.36
CA VAL D 44 3.69 13.69 -20.62
C VAL D 44 4.10 12.80 -21.80
N CYS D 45 3.57 11.59 -21.84
CA CYS D 45 3.71 10.71 -23.00
C CYS D 45 2.71 9.57 -22.89
N GLY D 46 2.65 8.72 -23.91
CA GLY D 46 1.66 7.67 -23.96
C GLY D 46 1.90 6.54 -22.99
N SER D 47 3.12 6.46 -22.48
CA SER D 47 3.52 5.32 -21.65
C SER D 47 3.71 5.71 -20.20
N SER D 48 3.06 4.96 -19.30
CA SER D 48 3.26 5.16 -17.88
C SER D 48 4.72 4.87 -17.54
N GLY D 49 5.25 3.81 -18.14
CA GLY D 49 6.63 3.40 -17.94
C GLY D 49 7.66 4.45 -18.31
N ARG D 50 7.58 4.96 -19.53
N ARG D 50 7.57 4.97 -19.52
CA ARG D 50 8.53 5.97 -20.00
CA ARG D 50 8.51 5.99 -20.00
C ARG D 50 8.49 7.22 -19.13
C ARG D 50 8.49 7.21 -19.08
N HIS D 52 7.41 8.19 -16.40
CA HIS D 52 7.92 7.98 -15.05
C HIS D 52 9.44 7.82 -15.04
N ASN D 53 9.97 7.00 -15.96
CA ASN D 53 11.41 6.84 -16.09
C ASN D 53 12.10 8.18 -16.38
N PHE D 54 11.38 9.06 -17.06
CA PHE D 54 11.89 10.38 -17.37
C PHE D 54 11.82 11.27 -16.13
N ALA D 55 10.90 10.96 -15.23
CA ALA D 55 10.76 11.71 -13.99
C ALA D 55 11.90 11.39 -13.05
N ILE D 56 12.32 10.12 -13.04
CA ILE D 56 13.39 9.67 -12.15
C ILE D 56 14.74 10.28 -12.52
N SER D 57 15.01 10.37 -13.82
CA SER D 57 16.26 10.96 -14.30
C SER D 57 16.24 12.47 -14.16
N MET D 58 15.06 13.07 -14.36
CA MET D 58 14.90 14.52 -14.18
C MET D 58 15.05 14.87 -12.70
N ALA D 59 14.64 13.96 -11.83
CA ALA D 59 14.80 14.11 -10.39
C ALA D 59 16.26 13.91 -9.98
N LYS D 60 16.91 12.90 -10.54
CA LYS D 60 18.30 12.60 -10.23
C LYS D 60 19.22 13.76 -10.61
N LEU D 61 18.84 14.50 -11.64
CA LEU D 61 19.58 15.67 -12.08
C LEU D 61 19.49 16.79 -11.05
N ALA D 62 18.56 16.66 -10.11
CA ALA D 62 18.31 17.71 -9.12
C ALA D 62 18.77 17.30 -7.72
N GLY D 63 19.34 16.11 -7.60
CA GLY D 63 19.70 15.61 -6.30
C GLY D 63 18.43 15.38 -5.48
N LEU D 64 17.59 14.46 -5.96
CA LEU D 64 16.37 14.13 -5.22
C LEU D 64 16.66 13.17 -4.07
N PRO D 67 13.21 8.95 -4.49
CA PRO D 67 11.89 8.33 -4.67
C PRO D 67 10.89 9.25 -5.38
N VAL D 68 10.47 8.84 -6.57
CA VAL D 68 9.42 9.55 -7.30
C VAL D 68 8.16 8.69 -7.31
N GLU D 69 7.18 9.07 -6.49
CA GLU D 69 6.00 8.24 -6.27
C GLU D 69 4.74 8.80 -6.93
N ASN D 70 3.79 7.92 -7.18
CA ASN D 70 2.53 8.27 -7.83
C ASN D 70 1.60 9.06 -6.91
N ILE D 71 1.12 10.20 -7.40
CA ILE D 71 0.20 11.05 -6.66
C ILE D 71 -1.25 10.61 -6.87
N ALA D 72 -1.52 10.00 -8.03
CA ALA D 72 -2.87 9.56 -8.36
C ALA D 72 -3.41 8.54 -7.36
N GLY D 73 -4.73 8.40 -7.32
CA GLY D 73 -5.38 7.37 -6.51
C GLY D 73 -5.10 6.02 -7.12
N SER D 74 -5.21 4.96 -6.32
CA SER D 74 -4.68 3.67 -6.74
C SER D 74 -5.48 2.95 -7.83
N HIS D 75 -6.73 3.35 -8.07
CA HIS D 75 -7.52 2.76 -9.16
C HIS D 75 -7.58 3.70 -10.37
N ALA D 76 -6.69 4.69 -10.42
CA ALA D 76 -6.73 5.70 -11.49
C ALA D 76 -6.30 5.15 -12.85
N ARG D 77 -6.78 5.78 -13.91
CA ARG D 77 -6.36 5.41 -15.26
C ARG D 77 -4.96 5.93 -15.56
N PHE D 78 -4.61 7.03 -14.91
CA PHE D 78 -3.34 7.72 -15.18
C PHE D 78 -2.48 7.79 -13.93
N VAL D 79 -1.18 8.00 -14.15
CA VAL D 79 -0.25 8.27 -13.08
C VAL D 79 -0.01 9.77 -12.99
N LEU D 80 0.48 10.23 -11.85
CA LEU D 80 0.84 11.63 -11.68
C LEU D 80 2.06 11.75 -10.77
N TYR D 81 3.11 12.41 -11.26
CA TYR D 81 4.33 12.63 -10.47
C TYR D 81 4.70 14.11 -10.41
N LYS D 82 5.33 14.51 -9.31
CA LYS D 82 5.83 15.88 -9.16
C LYS D 82 7.29 15.91 -8.71
N VAL D 83 8.14 16.55 -9.51
CA VAL D 83 9.53 16.81 -9.12
C VAL D 83 9.82 18.30 -9.28
N ASP D 84 10.01 18.97 -8.14
CA ASP D 84 10.20 20.42 -8.11
C ASP D 84 9.06 21.16 -8.78
N HIS D 85 9.36 21.85 -9.87
CA HIS D 85 8.36 22.61 -10.60
C HIS D 85 7.86 21.85 -11.82
N ILE D 86 8.12 20.55 -11.83
CA ILE D 86 7.71 19.72 -12.95
C ILE D 86 6.69 18.65 -12.54
N LEU D 87 5.61 18.57 -13.29
CA LEU D 87 4.69 17.46 -13.17
C LEU D 87 4.96 16.44 -14.25
N PHE D 88 4.54 15.21 -14.01
CA PHE D 88 4.65 14.13 -14.98
C PHE D 88 3.36 13.33 -15.00
N ALA D 89 2.89 12.99 -16.18
CA ALA D 89 1.69 12.15 -16.33
C ALA D 89 1.73 11.39 -17.63
N ASP D 90 1.02 10.27 -17.71
CA ASP D 90 0.84 9.61 -19.00
C ASP D 90 -0.51 10.00 -19.60
N HIS D 91 -0.77 9.58 -20.82
CA HIS D 91 -2.02 9.93 -21.48
C HIS D 91 -2.54 8.85 -22.42
N GLY D 92 -2.00 7.63 -22.32
CA GLY D 92 -2.43 6.53 -23.16
C GLY D 92 -2.18 6.78 -24.65
N MET D 93 -2.93 6.10 -25.52
CA MET D 93 -2.76 6.27 -26.95
C MET D 93 -3.98 6.88 -27.63
N GLY D 94 -3.74 7.88 -28.48
CA GLY D 94 -4.80 8.53 -29.24
C GLY D 94 -5.20 9.87 -28.67
N ILE D 95 -5.73 10.74 -29.54
CA ILE D 95 -6.35 12.00 -29.14
C ILE D 95 -7.33 11.89 -27.96
N PRO D 96 -8.31 10.97 -28.02
CA PRO D 96 -9.31 10.96 -26.96
C PRO D 96 -8.77 10.62 -25.58
N SER D 97 -7.81 9.70 -25.50
CA SER D 97 -7.15 9.41 -24.23
C SER D 97 -6.38 10.64 -23.75
N ALA D 98 -5.66 11.27 -24.68
CA ALA D 98 -4.87 12.46 -24.36
C ALA D 98 -5.74 13.60 -23.84
N LEU D 99 -6.92 13.77 -24.44
CA LEU D 99 -7.86 14.83 -24.02
C LEU D 99 -8.34 14.62 -22.58
N ILE D 100 -8.45 13.38 -22.16
CA ILE D 100 -8.86 13.09 -20.80
C ILE D 100 -7.79 13.60 -19.85
N MET D 101 -6.54 13.29 -20.17
CA MET D 101 -5.41 13.78 -19.40
C MET D 101 -5.39 15.30 -19.38
N LEU D 102 -5.52 15.90 -20.57
CA LEU D 102 -5.44 17.35 -20.72
C LEU D 102 -6.51 18.07 -19.90
N HIS D 103 -7.75 17.59 -19.98
CA HIS D 103 -8.83 18.23 -19.26
C HIS D 103 -8.62 18.24 -17.75
N GLU D 104 -8.20 17.11 -17.19
CA GLU D 104 -8.08 17.00 -15.75
C GLU D 104 -6.78 17.65 -15.25
N VAL D 105 -5.71 17.58 -16.02
CA VAL D 105 -4.47 18.22 -15.60
C VAL D 105 -4.59 19.75 -15.63
N THR D 106 -5.17 20.29 -16.69
CA THR D 106 -5.29 21.74 -16.78
C THR D 106 -6.27 22.31 -15.75
N LYS D 107 -7.31 21.54 -15.41
CA LYS D 107 -8.19 21.96 -14.31
C LYS D 107 -7.40 22.00 -13.01
N LEU D 108 -6.55 21.00 -12.81
CA LEU D 108 -5.66 20.94 -11.65
C LEU D 108 -4.79 22.19 -11.58
N LEU D 109 -4.19 22.54 -12.72
CA LEU D 109 -3.32 23.71 -12.79
C LEU D 109 -4.07 24.98 -12.43
N HIS D 110 -5.27 25.13 -13.00
CA HIS D 110 -6.09 26.31 -12.77
C HIS D 110 -6.46 26.46 -11.30
N TYR D 111 -6.87 25.35 -10.69
CA TYR D 111 -7.27 25.34 -9.29
C TYR D 111 -6.10 25.73 -8.39
N ALA D 112 -4.89 25.39 -8.82
CA ALA D 112 -3.69 25.65 -8.02
C ALA D 112 -3.14 27.04 -8.27
N GLY D 113 -3.70 27.74 -9.26
CA GLY D 113 -3.26 29.07 -9.59
C GLY D 113 -2.03 29.09 -10.47
N CYS D 114 -1.77 27.97 -11.15
CA CYS D 114 -0.60 27.86 -12.02
C CYS D 114 -0.81 28.63 -13.32
N LYS D 115 0.19 29.42 -13.70
CA LYS D 115 0.11 30.22 -14.90
C LYS D 115 1.27 29.94 -15.84
N ASP D 116 1.00 29.99 -17.15
CA ASP D 116 2.02 29.88 -18.17
C ASP D 116 2.89 28.63 -18.00
N VAL D 117 2.23 27.49 -17.85
CA VAL D 117 2.93 26.22 -17.64
C VAL D 117 3.36 25.63 -18.98
N LEU D 118 4.56 25.05 -19.00
CA LEU D 118 5.06 24.41 -20.21
C LEU D 118 4.70 22.92 -20.25
N PHE D 119 3.88 22.54 -21.23
CA PHE D 119 3.58 21.12 -21.50
C PHE D 119 4.60 20.57 -22.49
N ILE D 120 5.13 19.37 -22.22
CA ILE D 120 6.07 18.76 -23.15
C ILE D 120 5.72 17.29 -23.38
N ARG D 121 5.23 16.98 -24.59
CA ARG D 121 4.91 15.60 -24.96
C ARG D 121 6.11 14.88 -25.54
N LEU D 122 6.53 13.79 -24.89
CA LEU D 122 7.65 12.98 -25.33
C LEU D 122 7.22 11.62 -25.85
N GLY D 123 6.47 11.60 -26.95
CA GLY D 123 5.95 10.35 -27.48
C GLY D 123 6.74 9.83 -28.67
N THR D 124 6.16 8.85 -29.37
CA THR D 124 6.82 8.23 -30.51
C THR D 124 5.98 8.41 -31.77
N SER D 125 6.59 8.16 -32.93
CA SER D 125 5.87 8.31 -34.19
C SER D 125 6.58 7.60 -35.34
N GLY D 126 6.01 7.75 -36.53
CA GLY D 126 6.59 7.20 -37.75
C GLY D 126 7.09 8.34 -38.61
N GLY D 127 8.33 8.20 -39.11
CA GLY D 127 8.96 9.27 -39.86
C GLY D 127 8.55 9.32 -41.32
N LEU D 128 8.76 10.49 -41.93
CA LEU D 128 8.44 10.70 -43.33
C LEU D 128 9.65 11.23 -44.08
N GLY D 129 10.42 10.32 -44.66
CA GLY D 129 11.65 10.69 -45.33
C GLY D 129 12.72 11.07 -44.32
N VAL D 130 12.77 10.34 -43.22
CA VAL D 130 13.76 10.59 -42.18
C VAL D 130 14.24 9.26 -41.58
N LYS D 131 15.50 9.22 -41.17
CA LYS D 131 16.08 8.01 -40.60
C LYS D 131 15.44 7.68 -39.26
N PRO D 132 15.11 6.40 -39.03
CA PRO D 132 14.55 5.96 -37.75
C PRO D 132 15.44 6.37 -36.58
N GLY D 133 14.82 6.95 -35.55
CA GLY D 133 15.56 7.49 -34.42
C GLY D 133 15.75 9.00 -34.53
N THR D 134 15.04 9.61 -35.48
CA THR D 134 15.10 11.05 -35.68
C THR D 134 14.05 11.78 -34.84
N ILE D 135 14.47 12.84 -34.16
CA ILE D 135 13.56 13.68 -33.39
C ILE D 135 12.94 14.75 -34.28
N VAL D 136 11.61 14.74 -34.40
CA VAL D 136 10.91 15.76 -35.16
C VAL D 136 10.01 16.52 -34.20
N LEU D 137 10.47 17.72 -33.84
CA LEU D 137 9.71 18.59 -32.94
C LEU D 137 8.84 19.51 -33.78
N SER D 138 7.53 19.26 -33.73
CA SER D 138 6.56 19.83 -34.65
C SER D 138 6.67 21.34 -34.81
N ASP D 139 6.69 21.80 -36.06
CA ASP D 139 6.52 23.21 -36.38
C ASP D 139 5.04 23.44 -36.61
N ARG D 140 4.33 22.35 -36.87
CA ARG D 140 2.88 22.37 -37.03
C ARG D 140 2.31 20.96 -36.95
N CYS D 141 1.40 20.75 -36.01
CA CYS D 141 0.67 19.49 -35.95
C CYS D 141 -0.67 19.66 -36.64
N VAL D 142 -0.90 18.89 -37.69
CA VAL D 142 -2.15 18.96 -38.45
C VAL D 142 -2.80 17.59 -38.55
N ASN D 143 -4.03 17.54 -39.05
CA ASN D 143 -4.74 16.28 -39.19
C ASN D 143 -4.34 15.51 -40.44
N THR D 144 -5.11 14.48 -40.76
CA THR D 144 -4.83 13.60 -41.89
C THR D 144 -5.11 14.31 -43.23
N LYS D 145 -6.13 15.15 -43.24
CA LYS D 145 -6.45 15.94 -44.42
C LYS D 145 -5.58 17.20 -44.46
N LEU D 146 -4.64 17.26 -43.52
CA LEU D 146 -3.60 18.30 -43.45
C LEU D 146 -4.14 19.67 -43.03
N GLU D 147 -5.34 19.71 -42.48
CA GLU D 147 -5.91 20.96 -42.00
C GLU D 147 -5.40 21.28 -40.60
N PRO D 148 -5.08 22.57 -40.35
CA PRO D 148 -4.42 23.04 -39.12
C PRO D 148 -5.35 23.11 -37.91
N TYR D 149 -5.96 22.00 -37.54
CA TYR D 149 -6.90 22.04 -36.43
C TYR D 149 -7.18 20.66 -35.82
N ASN D 150 -7.90 20.67 -34.70
CA ASN D 150 -8.41 19.45 -34.10
C ASN D 150 -9.93 19.40 -34.32
N GLU D 151 -10.40 18.32 -34.90
CA GLU D 151 -11.83 18.16 -35.15
C GLU D 151 -12.53 17.68 -33.89
N LEU D 152 -13.73 18.19 -33.66
CA LEU D 152 -14.50 17.84 -32.49
C LEU D 152 -15.99 17.84 -32.83
N CYS D 153 -16.76 17.02 -32.11
CA CYS D 153 -18.20 17.02 -32.28
C CYS D 153 -18.89 17.25 -30.94
N ILE D 154 -18.98 18.52 -30.55
CA ILE D 154 -19.58 18.89 -29.27
C ILE D 154 -21.08 19.12 -29.42
N LEU D 155 -21.85 18.41 -28.61
CA LEU D 155 -23.31 18.51 -28.61
C LEU D 155 -23.90 18.16 -29.98
N GLY D 156 -23.22 17.27 -30.70
CA GLY D 156 -23.70 16.80 -31.98
C GLY D 156 -23.36 17.74 -33.11
N LYS D 157 -22.74 18.87 -32.76
CA LYS D 157 -22.33 19.86 -33.74
C LYS D 157 -20.81 19.85 -33.88
N PRO D 158 -20.31 19.95 -35.13
CA PRO D 158 -18.86 19.91 -35.35
C PRO D 158 -18.15 21.20 -34.97
N VAL D 159 -16.94 21.07 -34.43
CA VAL D 159 -16.11 22.21 -34.08
C VAL D 159 -14.67 21.98 -34.52
N ARG D 160 -13.85 23.02 -34.48
CA ARG D 160 -12.44 22.90 -34.86
C ARG D 160 -11.59 23.90 -34.09
N ARG D 161 -10.45 23.43 -33.61
CA ARG D 161 -9.58 24.26 -32.76
C ARG D 161 -8.16 24.30 -33.30
N GLN D 162 -7.66 25.53 -33.48
CA GLN D 162 -6.37 25.73 -34.12
C GLN D 162 -5.21 25.17 -33.30
N THR D 163 -4.15 24.73 -33.98
CA THR D 163 -2.97 24.17 -33.34
C THR D 163 -1.87 25.23 -33.20
N ILE D 164 -1.41 25.47 -31.98
CA ILE D 164 -0.41 26.48 -31.73
C ILE D 164 0.78 25.86 -31.00
N VAL D 165 1.89 25.74 -31.70
CA VAL D 165 3.11 25.18 -31.13
C VAL D 165 4.03 26.29 -30.62
N ASP D 166 4.68 26.04 -29.48
CA ASP D 166 5.64 26.99 -28.92
C ASP D 166 6.92 27.03 -29.75
N LEU D 167 6.86 27.71 -30.89
CA LEU D 167 8.00 27.79 -31.81
C LEU D 167 9.20 28.42 -31.13
N ASN D 168 8.95 29.37 -30.23
CA ASN D 168 10.02 29.97 -29.44
CA ASN D 168 10.00 29.98 -29.42
C ASN D 168 10.78 28.91 -28.65
N THR D 169 10.02 28.05 -27.97
CA THR D 169 10.61 26.93 -27.24
C THR D 169 11.21 25.93 -28.20
N VAL D 170 10.57 25.80 -29.37
CA VAL D 170 10.99 24.84 -30.39
C VAL D 170 12.27 25.30 -31.08
N ASN D 171 12.32 26.58 -31.44
CA ASN D 171 13.52 27.15 -32.04
C ASN D 171 14.68 27.11 -31.05
N GLU D 172 14.37 27.46 -29.81
CA GLU D 172 15.35 27.41 -28.72
C GLU D 172 15.86 25.98 -28.53
N LEU D 173 14.94 25.02 -28.55
CA LEU D 173 15.29 23.62 -28.38
C LEU D 173 16.21 23.14 -29.51
N LYS D 174 15.90 23.57 -30.72
CA LYS D 174 16.72 23.23 -31.89
C LYS D 174 18.11 23.86 -31.78
N LYS D 175 18.16 25.06 -31.24
CA LYS D 175 19.43 25.76 -31.04
C LYS D 175 20.24 25.10 -29.94
N LEU D 176 19.55 24.66 -28.88
CA LEU D 176 20.21 24.01 -27.75
C LEU D 176 20.75 22.64 -28.13
N SER D 177 20.16 22.05 -29.17
CA SER D 177 20.55 20.71 -29.61
C SER D 177 21.98 20.70 -30.16
N GLU D 178 22.39 21.81 -30.78
CA GLU D 178 23.73 21.93 -31.34
C GLU D 178 24.80 21.87 -30.25
N ASN D 179 24.46 22.38 -29.08
CA ASN D 179 25.35 22.27 -27.92
C ASN D 179 25.36 20.86 -27.37
N GLU D 183 23.30 12.89 -30.30
CA GLU D 183 23.53 11.49 -30.63
C GLU D 183 22.64 11.05 -31.79
N CYS D 184 21.94 12.01 -32.39
CA CYS D 184 21.01 11.72 -33.47
C CYS D 184 20.74 12.95 -34.33
N SER D 185 19.72 12.86 -35.18
CA SER D 185 19.33 13.96 -36.04
C SER D 185 18.08 14.66 -35.52
N VAL D 186 18.08 15.99 -35.55
CA VAL D 186 16.93 16.76 -35.08
C VAL D 186 16.39 17.63 -36.22
N VAL D 187 15.07 17.58 -36.41
CA VAL D 187 14.43 18.21 -37.57
C VAL D 187 13.17 18.97 -37.18
N VAL D 188 12.98 20.15 -37.77
CA VAL D 188 11.75 20.92 -37.56
C VAL D 188 10.82 20.71 -38.75
N GLY D 189 9.66 20.10 -38.51
CA GLY D 189 8.72 19.81 -39.59
C GLY D 189 7.28 19.56 -39.18
N GLY D 190 6.43 19.27 -40.16
CA GLY D 190 5.01 19.06 -39.93
C GLY D 190 4.65 17.70 -39.36
N THR D 191 3.51 17.62 -38.68
CA THR D 191 3.13 16.42 -37.93
C THR D 191 1.65 16.05 -38.06
N ILE D 192 1.39 14.92 -38.72
CA ILE D 192 0.02 14.45 -38.89
C ILE D 192 -0.47 13.69 -37.66
N ALA D 193 -1.72 13.96 -37.27
CA ALA D 193 -2.35 13.23 -36.18
C ALA D 193 -3.52 12.42 -36.71
N ALA D 194 -3.44 11.10 -36.57
CA ALA D 194 -4.47 10.20 -37.06
C ALA D 194 -5.21 9.49 -35.92
N ASN D 195 -6.44 9.04 -36.18
CA ASN D 195 -7.23 8.30 -35.21
C ASN D 195 -7.14 6.80 -35.44
N ASP D 196 -6.01 6.37 -35.98
CA ASP D 196 -5.78 4.98 -36.32
C ASP D 196 -4.29 4.79 -36.57
N PHE D 197 -3.71 3.81 -35.92
CA PHE D 197 -2.29 3.49 -36.12
C PHE D 197 -2.04 2.89 -37.51
N TYR D 198 -3.08 2.28 -38.09
CA TYR D 198 -2.90 1.51 -39.32
C TYR D 198 -3.47 2.18 -40.58
N GLU D 199 -4.77 2.01 -40.82
CA GLU D 199 -5.39 2.45 -42.07
C GLU D 199 -5.33 3.96 -42.29
N GLU D 200 -5.39 4.75 -41.22
CA GLU D 200 -5.30 6.20 -41.34
C GLU D 200 -3.86 6.65 -41.56
N GLN D 201 -2.90 5.91 -41.00
CA GLN D 201 -1.49 6.20 -41.21
C GLN D 201 -1.04 5.69 -42.57
N GLY D 202 -1.95 5.06 -43.29
CA GLY D 202 -1.67 4.58 -44.63
C GLY D 202 -1.01 3.21 -44.67
N ARG D 203 -1.03 2.52 -43.54
CA ARG D 203 -0.41 1.20 -43.44
C ARG D 203 -1.14 0.16 -44.26
N LEU D 204 -0.37 -0.70 -44.94
CA LEU D 204 -0.95 -1.77 -45.74
C LEU D 204 -0.95 -3.08 -44.98
N ASP D 205 -0.36 -3.07 -43.78
CA ASP D 205 -0.21 -4.29 -42.98
C ASP D 205 -1.21 -4.38 -41.83
N GLY D 206 -2.37 -3.74 -42.01
CA GLY D 206 -3.43 -3.84 -41.02
C GLY D 206 -4.26 -5.09 -41.23
N SER D 207 -5.27 -5.28 -40.38
CA SER D 207 -6.19 -6.39 -40.53
C SER D 207 -7.12 -6.12 -41.71
N ILE D 208 -7.35 -4.84 -41.97
CA ILE D 208 -8.20 -4.39 -43.05
C ILE D 208 -7.44 -3.37 -43.89
N CYS D 209 -7.55 -3.48 -45.21
CA CYS D 209 -6.91 -2.51 -46.10
C CYS D 209 -7.66 -2.42 -47.42
N THR D 210 -8.07 -1.20 -47.78
CA THR D 210 -8.88 -0.99 -48.96
C THR D 210 -8.09 -0.35 -50.09
N PHE D 211 -6.78 -0.19 -49.90
CA PHE D 211 -5.94 0.50 -50.86
C PHE D 211 -4.64 -0.24 -51.14
N SER D 212 -4.02 0.07 -52.27
CA SER D 212 -2.78 -0.57 -52.70
C SER D 212 -1.56 0.23 -52.26
N LYS D 213 -0.38 -0.35 -52.45
CA LYS D 213 0.87 0.33 -52.11
C LYS D 213 1.04 1.60 -52.92
N GLU D 214 0.54 1.59 -54.15
CA GLU D 214 0.61 2.75 -55.03
C GLU D 214 -0.21 3.91 -54.47
N GLU D 215 -1.42 3.61 -54.00
CA GLU D 215 -2.28 4.61 -53.40
C GLU D 215 -1.67 5.17 -52.12
N LYS D 216 -1.08 4.29 -51.33
CA LYS D 216 -0.49 4.67 -50.05
C LYS D 216 0.72 5.57 -50.25
N LEU D 217 1.64 5.14 -51.10
CA LEU D 217 2.88 5.87 -51.34
C LEU D 217 2.63 7.28 -51.84
N ALA D 218 1.54 7.47 -52.59
CA ALA D 218 1.20 8.78 -53.14
C ALA D 218 0.56 9.69 -52.09
N PHE D 219 -0.35 9.13 -51.31
CA PHE D 219 -0.99 9.87 -50.22
C PHE D 219 0.07 10.30 -49.21
N LEU D 220 0.98 9.39 -48.89
CA LEU D 220 2.05 9.66 -47.95
C LEU D 220 3.12 10.57 -48.56
N GLN D 221 3.32 10.44 -49.87
CA GLN D 221 4.23 11.34 -50.58
C GLN D 221 3.70 12.75 -50.49
N SER D 222 2.49 12.95 -51.03
CA SER D 222 1.81 14.25 -51.04
C SER D 222 1.91 15.00 -49.72
N ALA D 223 1.89 14.25 -48.62
CA ALA D 223 2.03 14.81 -47.29
C ALA D 223 3.44 15.35 -47.07
N TYR D 224 4.43 14.69 -47.66
CA TYR D 224 5.83 15.04 -47.44
C TYR D 224 6.21 16.39 -48.06
N GLU D 225 5.80 16.64 -49.31
CA GLU D 225 6.13 17.91 -49.98
C GLU D 225 5.58 19.08 -49.19
N HIS D 226 4.48 18.85 -48.49
CA HIS D 226 3.88 19.87 -47.65
C HIS D 226 4.66 20.04 -46.35
N GLY D 227 5.81 19.35 -46.26
CA GLY D 227 6.75 19.58 -45.17
C GLY D 227 6.64 18.64 -44.00
N ILE D 228 5.66 17.73 -44.06
CA ILE D 228 5.41 16.79 -42.97
C ILE D 228 6.58 15.81 -42.78
N ARG D 229 7.00 15.64 -41.53
CA ARG D 229 8.13 14.79 -41.22
C ARG D 229 7.73 13.53 -40.44
N ASN D 230 6.62 13.59 -39.70
CA ASN D 230 6.19 12.43 -38.94
C ASN D 230 4.68 12.26 -38.80
N MET D 231 4.29 11.21 -38.06
CA MET D 231 2.92 10.75 -38.04
C MET D 231 2.61 10.06 -36.71
N GLU D 232 1.79 10.69 -35.88
CA GLU D 232 1.41 10.12 -34.59
C GLU D 232 -0.08 10.27 -34.35
N MET D 233 -0.51 10.23 -33.09
CA MET D 233 -1.93 10.10 -32.79
C MET D 233 -2.48 11.01 -31.68
N GLU D 234 -1.69 11.95 -31.16
CA GLU D 234 -2.17 12.87 -30.11
C GLU D 234 -1.77 14.34 -30.30
N GLY D 235 -1.04 14.64 -31.36
CA GLY D 235 -0.52 15.98 -31.55
C GLY D 235 -1.57 17.04 -31.73
N THR D 236 -2.64 16.69 -32.44
CA THR D 236 -3.75 17.60 -32.69
C THR D 236 -4.45 18.02 -31.40
N ALA D 237 -4.30 17.23 -30.34
CA ALA D 237 -4.96 17.50 -29.08
C ALA D 237 -4.14 18.37 -28.14
N ILE D 238 -2.86 18.00 -27.94
CA ILE D 238 -2.04 18.63 -26.91
C ILE D 238 -1.65 20.08 -27.21
N THR D 239 -1.16 20.33 -28.41
CA THR D 239 -0.73 21.67 -28.81
C THR D 239 -1.90 22.58 -29.15
N SER D 240 -3.09 22.00 -29.22
CA SER D 240 -4.31 22.78 -29.40
C SER D 240 -4.96 23.12 -28.06
N HIS D 241 -4.92 22.17 -27.13
CA HIS D 241 -5.58 22.35 -25.84
C HIS D 241 -4.82 23.29 -24.90
N CYS D 242 -3.51 23.12 -24.84
CA CYS D 242 -2.69 23.88 -23.88
C CYS D 242 -2.70 25.38 -24.14
N TYR D 243 -2.50 25.77 -25.39
CA TYR D 243 -2.57 27.17 -25.78
C TYR D 243 -3.94 27.76 -25.47
N LEU D 244 -4.98 26.92 -25.59
CA LEU D 244 -6.35 27.37 -25.41
C LEU D 244 -6.73 27.42 -23.91
N THR D 245 -5.81 26.99 -23.05
CA THR D 245 -6.04 27.09 -21.62
C THR D 245 -4.98 27.95 -20.96
N GLY D 246 -4.22 28.70 -21.77
CA GLY D 246 -3.26 29.66 -21.28
C GLY D 246 -1.88 29.10 -21.02
N HIS D 247 -1.59 27.94 -21.61
CA HIS D 247 -0.32 27.26 -21.37
C HIS D 247 0.49 27.02 -22.65
N ARG D 248 1.74 26.63 -22.47
CA ARG D 248 2.63 26.37 -23.61
C ARG D 248 2.82 24.87 -23.79
N ALA D 249 3.03 24.47 -25.04
CA ALA D 249 3.28 23.07 -25.34
C ALA D 249 4.05 22.91 -26.64
N ILE D 250 4.80 21.82 -26.71
CA ILE D 250 5.51 21.43 -27.91
C ILE D 250 5.26 19.95 -28.15
N LEU D 251 5.57 19.49 -29.37
CA LEU D 251 5.50 18.08 -29.69
C LEU D 251 6.86 17.63 -30.17
N VAL D 252 7.64 17.02 -29.28
CA VAL D 252 8.98 16.56 -29.64
C VAL D 252 8.97 15.04 -29.77
N CYS D 253 9.03 14.54 -31.00
CA CYS D 253 8.78 13.12 -31.24
C CYS D 253 9.88 12.38 -32.00
N VAL D 254 10.30 11.26 -31.45
CA VAL D 254 11.21 10.35 -32.15
C VAL D 254 10.41 9.53 -33.16
N THR D 255 11.09 9.06 -34.21
CA THR D 255 10.47 8.23 -35.23
C THR D 255 10.98 6.80 -35.11
N ALA D 256 10.11 5.83 -35.35
CA ALA D 256 10.47 4.42 -35.18
C ALA D 256 10.34 3.63 -36.47
N VAL D 257 9.99 4.31 -37.56
CA VAL D 257 9.86 3.69 -38.87
C VAL D 257 9.75 4.73 -39.97
N ASN D 258 10.55 4.59 -41.02
CA ASN D 258 10.42 5.45 -42.19
C ASN D 258 9.25 4.95 -43.03
N ARG D 259 8.13 5.67 -42.95
CA ARG D 259 6.88 5.23 -43.57
C ARG D 259 6.90 5.30 -45.09
N LEU D 260 7.90 5.98 -45.65
CA LEU D 260 8.04 6.06 -47.10
C LEU D 260 8.69 4.80 -47.64
N GLU D 261 9.22 3.97 -46.74
CA GLU D 261 9.93 2.75 -47.11
C GLU D 261 9.29 1.49 -46.52
N GLY D 262 8.64 1.63 -45.37
CA GLY D 262 8.05 0.48 -44.71
C GLY D 262 6.94 0.81 -43.73
N ASP D 263 6.22 -0.22 -43.30
CA ASP D 263 5.13 -0.05 -42.33
C ASP D 263 5.47 -0.69 -40.98
N GLN D 264 6.18 -1.81 -41.04
CA GLN D 264 6.48 -2.61 -39.86
C GLN D 264 7.50 -1.92 -38.95
N ILE D 265 7.27 -2.01 -37.64
CA ILE D 265 8.24 -1.60 -36.64
C ILE D 265 9.18 -2.76 -36.34
N THR D 266 10.26 -2.85 -37.11
CA THR D 266 11.16 -4.00 -37.06
C THR D 266 12.28 -3.85 -36.02
N ILE D 267 12.41 -2.64 -35.47
CA ILE D 267 13.44 -2.39 -34.47
C ILE D 267 13.24 -3.27 -33.24
N SER D 268 14.33 -3.69 -32.61
CA SER D 268 14.25 -4.52 -31.42
C SER D 268 13.63 -3.74 -30.26
N THR D 269 13.25 -4.46 -29.21
CA THR D 269 12.59 -3.84 -28.07
C THR D 269 13.50 -2.84 -27.36
N ASP D 270 14.74 -3.24 -27.09
CA ASP D 270 15.68 -2.42 -26.35
C ASP D 270 15.89 -1.03 -26.94
N PHE D 272 14.39 0.22 -29.29
CA PHE D 272 13.21 1.07 -29.25
C PHE D 272 13.19 1.97 -28.02
N THR D 273 13.51 1.43 -26.84
CA THR D 273 13.55 2.25 -25.64
C THR D 273 14.66 3.28 -25.75
N LEU D 274 15.66 2.96 -26.56
CA LEU D 274 16.75 3.88 -26.87
C LEU D 274 16.22 5.11 -27.60
N PHE D 275 15.52 4.88 -28.71
CA PHE D 275 14.95 5.96 -29.51
C PHE D 275 13.91 6.75 -28.71
N ALA D 276 13.18 6.05 -27.84
CA ALA D 276 12.09 6.66 -27.09
C ALA D 276 12.58 7.57 -25.98
N GLN D 277 13.86 7.46 -25.62
CA GLN D 277 14.43 8.31 -24.59
C GLN D 277 15.04 9.57 -25.18
N ARG D 278 15.19 9.57 -26.50
CA ARG D 278 15.82 10.67 -27.22
C ARG D 278 15.11 12.02 -27.07
N PRO D 279 13.76 12.05 -27.13
CA PRO D 279 13.13 13.35 -26.84
C PRO D 279 13.40 13.81 -25.40
N GLY D 280 13.42 12.85 -24.47
CA GLY D 280 13.71 13.16 -23.08
C GLY D 280 15.10 13.72 -22.85
N GLN D 281 16.06 13.22 -23.64
CA GLN D 281 17.45 13.65 -23.53
C GLN D 281 17.63 15.13 -23.87
N LEU D 282 16.94 15.59 -24.91
CA LEU D 282 17.00 16.99 -25.30
C LEU D 282 16.22 17.87 -24.33
N VAL D 283 15.17 17.31 -23.74
CA VAL D 283 14.21 18.10 -22.97
C VAL D 283 14.66 18.38 -21.54
N GLY D 284 15.15 17.36 -20.85
CA GLY D 284 15.62 17.53 -19.47
C GLY D 284 16.71 18.58 -19.35
N GLU D 285 17.50 18.76 -20.41
CA GLU D 285 18.51 19.82 -20.43
C GLU D 285 17.84 21.19 -20.57
N TYR D 286 16.85 21.27 -21.47
CA TYR D 286 16.09 22.50 -21.64
C TYR D 286 15.36 22.85 -20.36
N LEU D 287 14.96 21.82 -19.62
CA LEU D 287 14.36 22.00 -18.30
C LEU D 287 15.43 22.37 -17.28
N LYS D 288 16.61 21.79 -17.43
CA LYS D 288 17.73 22.06 -16.54
C LYS D 288 18.19 23.50 -16.68
N ARG D 289 18.11 24.03 -17.89
CA ARG D 289 18.57 25.39 -18.17
C ARG D 289 17.48 26.44 -17.91
N ASN D 290 16.35 26.00 -17.37
CA ASN D 290 15.24 26.92 -17.14
C ASN D 290 14.53 26.71 -15.80
N ASN D 291 15.32 26.37 -14.77
CA ASN D 291 14.83 26.27 -13.40
C ASN D 291 13.70 25.24 -13.20
N GLY D 292 13.66 24.25 -14.09
CA GLY D 292 12.72 23.15 -13.92
C GLY D 292 13.03 22.47 -12.60
N ILE D 293 14.29 22.12 -12.42
CA ILE D 293 14.77 21.59 -11.15
C ILE D 293 15.29 22.72 -10.28
N ILE D 294 15.58 22.40 -9.01
CA ILE D 294 16.22 23.37 -8.13
C ILE D 294 17.71 23.12 -8.05
S SO4 E . -3.69 -3.47 23.76
O1 SO4 E . -4.32 -2.15 23.84
O2 SO4 E . -2.28 -3.34 24.06
O3 SO4 E . -4.31 -4.36 24.75
O4 SO4 E . -3.90 -4.05 22.44
S SO4 F . 15.31 -4.38 30.88
O1 SO4 F . 15.70 -3.03 30.52
O2 SO4 F . 16.17 -5.34 30.22
O3 SO4 F . 13.92 -4.62 30.48
O4 SO4 F . 15.39 -4.53 32.34
#